data_5QJP
#
_entry.id   5QJP
#
_cell.length_a   49.132
_cell.length_b   59.626
_cell.length_c   79.620
_cell.angle_alpha   79.860
_cell.angle_beta   81.640
_cell.angle_gamma   76.070
#
_symmetry.space_group_name_H-M   'P 1'
#
loop_
_entity.id
_entity.type
_entity.pdbx_description
1 polymer 'ADP-sugar pyrophosphatase'
2 non-polymer 'MAGNESIUM ION'
3 non-polymer 'CHLORIDE ION'
4 non-polymer 1,2-ETHANEDIOL
5 non-polymer 1-(3-methyl-1,2,4-thiadiazol-5-yl)-1,4-diazepane
6 water water
#
_entity_poly.entity_id   1
_entity_poly.type   'polypeptide(L)'
_entity_poly.pdbx_seq_one_letter_code
;SMESQEPTESSQNGKQYIISEELISEGKWVKLEKTTYMDPTGKTRTWESVKRTTRKEQTADGVAVIPVLQRTLHYECIVL
VKQFRPPMGGYCIEFPAGLIDDGETPEAAALRELEEETGYKGDIAECSPAVCMDPGLSNCTIHIVTVTINGDDAENARPK
PKPGDGEFVEVISLPKNDLLQRLDALVAEEHLTVDARVYSYALALKHAN
;
_entity_poly.pdbx_strand_id   A,B,C,D
#
loop_
_chem_comp.id
_chem_comp.type
_chem_comp.name
_chem_comp.formula
CL non-polymer 'CHLORIDE ION' 'Cl -1'
EDO non-polymer 1,2-ETHANEDIOL 'C2 H6 O2'
K1P non-polymer 1-(3-methyl-1,2,4-thiadiazol-5-yl)-1,4-diazepane 'C8 H14 N4 S'
MG non-polymer 'MAGNESIUM ION' 'Mg 2'
#
# COMPACT_ATOMS: atom_id res chain seq x y z
N LYS A 15 40.38 1.40 -23.56
CA LYS A 15 41.75 1.78 -23.07
C LYS A 15 42.28 0.72 -22.08
N GLN A 16 41.51 0.42 -21.03
CA GLN A 16 42.00 -0.43 -19.94
C GLN A 16 41.70 -1.87 -20.13
N TYR A 17 42.52 -2.70 -19.48
CA TYR A 17 42.47 -4.12 -19.71
C TYR A 17 43.24 -4.85 -18.64
N ILE A 18 42.95 -6.15 -18.55
CA ILE A 18 43.56 -7.07 -17.60
C ILE A 18 44.87 -7.54 -18.15
N ILE A 19 45.88 -7.49 -17.28
CA ILE A 19 47.21 -8.04 -17.55
C ILE A 19 47.37 -9.46 -17.00
N SER A 20 47.03 -9.67 -15.75
CA SER A 20 47.14 -11.01 -15.17
C SER A 20 46.16 -11.18 -14.02
N GLU A 21 45.81 -12.44 -13.73
CA GLU A 21 44.94 -12.77 -12.61
C GLU A 21 45.62 -13.86 -11.80
N GLU A 22 46.08 -13.54 -10.59
CA GLU A 22 46.81 -14.49 -9.72
C GLU A 22 45.93 -15.05 -8.63
N LEU A 23 45.84 -16.39 -8.53
CA LEU A 23 45.03 -16.98 -7.48
C LEU A 23 45.67 -16.67 -6.12
N ILE A 24 44.87 -16.23 -5.16
CA ILE A 24 45.31 -16.01 -3.78
C ILE A 24 44.81 -17.13 -2.88
N SER A 25 43.52 -17.44 -2.95
CA SER A 25 42.93 -18.52 -2.15
C SER A 25 41.72 -19.06 -2.91
N GLU A 26 41.54 -20.38 -2.92
CA GLU A 26 40.41 -21.04 -3.53
C GLU A 26 39.73 -21.85 -2.45
N GLY A 27 38.51 -21.45 -2.09
CA GLY A 27 37.60 -22.28 -1.33
C GLY A 27 36.89 -23.26 -2.22
N LYS A 28 35.88 -23.93 -1.65
CA LYS A 28 35.02 -24.81 -2.43
C LYS A 28 34.14 -24.02 -3.40
N TRP A 29 33.66 -22.86 -2.94
CA TRP A 29 32.64 -22.06 -3.63
C TRP A 29 33.10 -20.67 -4.13
N VAL A 30 34.11 -20.11 -3.47
CA VAL A 30 34.59 -18.76 -3.72
C VAL A 30 36.13 -18.82 -3.84
N LYS A 31 36.69 -17.99 -4.71
CA LYS A 31 38.13 -17.73 -4.72
C LYS A 31 38.39 -16.24 -4.68
N LEU A 32 39.56 -15.90 -4.15
CA LEU A 32 40.09 -14.57 -4.17
C LEU A 32 41.30 -14.50 -5.11
N GLU A 33 41.41 -13.43 -5.91
CA GLU A 33 42.46 -13.26 -6.92
C GLU A 33 43.12 -11.88 -6.81
N LYS A 34 44.40 -11.80 -7.17
CA LYS A 34 45.09 -10.52 -7.37
C LYS A 34 45.05 -10.21 -8.87
N THR A 35 44.36 -9.13 -9.23
CA THR A 35 44.15 -8.80 -10.61
C THR A 35 45.14 -7.69 -10.87
N THR A 36 45.94 -7.84 -11.90
CA THR A 36 46.75 -6.74 -12.39
C THR A 36 46.15 -6.25 -13.68
N TYR A 37 46.04 -4.94 -13.80
CA TYR A 37 45.48 -4.32 -15.01
C TYR A 37 46.16 -3.04 -15.41
N MET A 38 45.86 -2.60 -16.63
CA MET A 38 46.37 -1.31 -17.14
C MET A 38 45.38 -0.15 -16.95
N ASP A 39 45.84 0.90 -16.27
CA ASP A 39 45.01 2.11 -16.06
C ASP A 39 45.11 3.00 -17.32
N PRO A 40 44.20 3.98 -17.47
CA PRO A 40 44.17 4.72 -18.72
C PRO A 40 45.34 5.67 -18.92
N THR A 41 46.09 5.96 -17.83
CA THR A 41 47.38 6.71 -17.92
C THR A 41 48.56 5.85 -18.46
N GLY A 42 48.33 4.56 -18.76
CA GLY A 42 49.40 3.62 -19.13
C GLY A 42 50.18 2.97 -17.98
N LYS A 43 49.72 3.15 -16.74
CA LYS A 43 50.34 2.61 -15.51
C LYS A 43 49.67 1.25 -15.10
N THR A 44 50.51 0.31 -14.65
CA THR A 44 50.12 -0.94 -14.03
C THR A 44 49.54 -0.70 -12.60
N ARG A 45 48.36 -1.29 -12.33
CA ARG A 45 47.75 -1.26 -11.01
C ARG A 45 47.14 -2.65 -10.67
N THR A 46 46.85 -2.87 -9.38
CA THR A 46 46.27 -4.11 -8.91
C THR A 46 44.94 -3.86 -8.14
N TRP A 47 44.21 -4.94 -8.04
CA TRP A 47 42.89 -5.02 -7.47
C TRP A 47 42.75 -6.43 -6.84
N GLU A 48 41.96 -6.53 -5.79
CA GLU A 48 41.59 -7.81 -5.23
C GLU A 48 40.20 -8.15 -5.69
N SER A 49 40.08 -9.30 -6.37
CA SER A 49 38.87 -9.69 -7.08
C SER A 49 38.34 -10.97 -6.51
N VAL A 50 37.04 -10.99 -6.21
CA VAL A 50 36.31 -12.17 -5.83
C VAL A 50 35.64 -12.81 -7.02
N LYS A 51 35.68 -14.13 -7.07
CA LYS A 51 35.00 -14.86 -8.09
C LYS A 51 34.41 -16.13 -7.53
N ARG A 52 33.30 -16.59 -8.10
CA ARG A 52 32.82 -17.95 -7.76
C ARG A 52 33.65 -18.98 -8.50
N THR A 53 33.74 -20.18 -7.93
CA THR A 53 34.36 -21.34 -8.60
C THR A 53 33.40 -22.24 -9.42
N THR A 54 32.12 -21.91 -9.39
CA THR A 54 31.04 -22.65 -10.01
C THR A 54 30.59 -22.22 -11.41
N ARG A 55 31.20 -21.19 -11.97
CA ARG A 55 30.80 -20.67 -13.29
C ARG A 55 31.54 -21.41 -14.38
N LYS A 56 30.80 -22.04 -15.28
CA LYS A 56 31.41 -22.79 -16.36
C LYS A 56 31.20 -22.04 -17.68
N GLU A 57 30.16 -22.42 -18.42
CA GLU A 57 29.83 -21.77 -19.73
C GLU A 57 28.52 -20.95 -19.60
N GLN A 58 28.01 -20.73 -18.38
CA GLN A 58 26.79 -19.93 -18.22
C GLN A 58 27.11 -18.50 -18.63
N THR A 59 26.14 -17.84 -19.23
CA THR A 59 26.28 -16.42 -19.54
C THR A 59 26.30 -15.56 -18.26
N ALA A 60 26.14 -16.22 -17.11
CA ALA A 60 26.15 -15.61 -15.80
C ALA A 60 26.19 -16.66 -14.71
N ASP A 61 26.53 -16.23 -13.52
CA ASP A 61 26.49 -17.12 -12.37
C ASP A 61 25.09 -17.58 -11.97
N GLY A 62 24.15 -16.65 -11.95
CA GLY A 62 22.87 -16.91 -11.35
C GLY A 62 21.73 -16.17 -12.06
N VAL A 63 20.57 -16.34 -11.48
CA VAL A 63 19.39 -15.61 -11.85
C VAL A 63 18.74 -15.06 -10.61
N ALA A 64 18.07 -13.92 -10.79
CA ALA A 64 17.17 -13.42 -9.77
C ALA A 64 15.82 -13.26 -10.53
N VAL A 65 14.73 -13.62 -9.88
CA VAL A 65 13.44 -13.59 -10.46
C VAL A 65 12.60 -12.44 -9.92
N ILE A 66 11.98 -11.68 -10.82
CA ILE A 66 11.04 -10.68 -10.40
C ILE A 66 9.67 -11.27 -10.68
N PRO A 67 8.98 -11.75 -9.64
CA PRO A 67 7.80 -12.58 -9.87
C PRO A 67 6.54 -11.79 -9.58
N VAL A 68 5.81 -11.49 -10.64
CA VAL A 68 4.61 -10.66 -10.56
C VAL A 68 3.40 -11.52 -10.46
N LEU A 69 2.83 -11.57 -9.24
CA LEU A 69 1.70 -12.40 -8.96
C LEU A 69 0.43 -11.69 -9.37
N GLN A 70 -0.29 -12.28 -10.33
CA GLN A 70 -1.49 -11.60 -10.93
C GLN A 70 -2.70 -12.38 -10.64
N ARG A 71 -3.75 -11.73 -10.11
CA ARG A 71 -4.95 -12.46 -9.77
C ARG A 71 -6.09 -11.55 -10.00
N THR A 72 -7.15 -12.13 -10.52
CA THR A 72 -8.36 -11.33 -10.74
C THR A 72 -8.86 -10.72 -9.41
N LEU A 73 -9.14 -9.47 -9.49
CA LEU A 73 -9.71 -8.65 -8.42
C LEU A 73 -8.76 -8.55 -7.24
N HIS A 74 -7.47 -8.74 -7.52
CA HIS A 74 -6.36 -8.33 -6.60
C HIS A 74 -5.38 -7.37 -7.24
N TYR A 75 -4.78 -6.49 -6.42
CA TYR A 75 -3.63 -5.77 -6.80
C TYR A 75 -2.50 -6.79 -7.06
N GLU A 76 -1.68 -6.42 -8.04
CA GLU A 76 -0.46 -7.21 -8.41
C GLU A 76 0.48 -7.26 -7.22
N CYS A 77 1.03 -8.45 -6.87
CA CYS A 77 2.02 -8.55 -5.84
C CYS A 77 3.39 -8.89 -6.46
N ILE A 78 4.42 -8.57 -5.70
CA ILE A 78 5.79 -8.97 -6.01
C ILE A 78 6.07 -10.02 -4.99
N VAL A 79 6.50 -11.20 -5.42
CA VAL A 79 6.71 -12.32 -4.56
C VAL A 79 8.21 -12.30 -4.15
N LEU A 80 8.50 -12.29 -2.85
CA LEU A 80 9.83 -12.19 -2.31
C LEU A 80 10.06 -13.34 -1.36
N VAL A 81 11.30 -13.55 -1.02
CA VAL A 81 11.63 -14.62 -0.10
C VAL A 81 12.50 -14.07 1.00
N LYS A 82 12.38 -14.68 2.19
CA LYS A 82 13.18 -14.35 3.36
C LYS A 82 13.94 -15.61 3.80
N GLN A 83 15.25 -15.46 3.95
CA GLN A 83 16.15 -16.53 4.29
C GLN A 83 17.22 -16.08 5.22
N PHE A 84 17.76 -17.03 5.97
CA PHE A 84 18.99 -16.75 6.66
C PHE A 84 20.17 -16.85 5.68
N ARG A 85 20.99 -15.84 5.70
CA ARG A 85 22.17 -15.68 4.85
C ARG A 85 23.39 -15.63 5.73
N PRO A 86 24.16 -16.73 5.73
CA PRO A 86 25.33 -16.81 6.58
C PRO A 86 26.32 -15.67 6.36
N PRO A 87 26.63 -15.23 5.07
CA PRO A 87 27.52 -14.07 4.92
C PRO A 87 27.09 -12.84 5.64
N MET A 88 25.80 -12.62 5.75
CA MET A 88 25.28 -11.51 6.44
C MET A 88 25.06 -11.73 7.95
N GLY A 89 25.10 -12.97 8.44
CA GLY A 89 24.66 -13.25 9.81
C GLY A 89 23.27 -12.87 10.25
N GLY A 90 22.31 -12.98 9.34
CA GLY A 90 20.97 -12.54 9.63
C GLY A 90 20.07 -12.87 8.44
N TYR A 91 18.80 -12.53 8.61
CA TYR A 91 17.75 -12.76 7.61
C TYR A 91 17.68 -11.61 6.59
N CYS A 92 17.43 -12.00 5.33
CA CYS A 92 17.44 -11.03 4.24
C CYS A 92 16.20 -11.24 3.44
N ILE A 93 15.67 -10.17 2.90
CA ILE A 93 14.47 -10.25 2.03
C ILE A 93 14.99 -9.96 0.60
N GLU A 94 14.75 -10.90 -0.30
CA GLU A 94 15.33 -10.89 -1.63
C GLU A 94 14.32 -11.36 -2.68
N PHE A 95 14.61 -11.03 -3.95
CA PHE A 95 13.96 -11.72 -5.08
C PHE A 95 14.36 -13.23 -5.00
N PRO A 96 13.44 -14.14 -5.40
CA PRO A 96 13.84 -15.54 -5.53
C PRO A 96 15.05 -15.63 -6.49
N ALA A 97 16.00 -16.51 -6.23
CA ALA A 97 17.27 -16.47 -6.94
C ALA A 97 18.01 -17.76 -6.71
N GLY A 98 18.86 -18.10 -7.66
CA GLY A 98 19.78 -19.23 -7.52
C GLY A 98 20.80 -19.22 -8.62
N LEU A 99 21.81 -20.07 -8.42
CA LEU A 99 22.79 -20.22 -9.42
C LEU A 99 22.24 -21.04 -10.63
N ILE A 100 22.76 -20.80 -11.83
CA ILE A 100 22.32 -21.47 -13.07
C ILE A 100 23.06 -22.81 -13.08
N ASP A 101 22.34 -23.90 -13.26
CA ASP A 101 23.06 -25.23 -13.37
C ASP A 101 23.78 -25.29 -14.71
N ASP A 102 24.88 -26.05 -14.81
CA ASP A 102 25.60 -26.21 -16.12
C ASP A 102 24.61 -26.65 -17.18
N GLY A 103 24.57 -25.96 -18.31
CA GLY A 103 23.68 -26.30 -19.42
C GLY A 103 22.25 -25.81 -19.34
N GLU A 104 21.87 -25.21 -18.22
CA GLU A 104 20.54 -24.71 -18.01
C GLU A 104 20.46 -23.29 -18.63
N THR A 105 19.36 -22.94 -19.21
CA THR A 105 19.22 -21.59 -19.74
C THR A 105 18.90 -20.65 -18.53
N PRO A 106 19.15 -19.37 -18.64
CA PRO A 106 18.66 -18.44 -17.56
C PRO A 106 17.17 -18.52 -17.30
N GLU A 107 16.32 -18.53 -18.33
CA GLU A 107 14.86 -18.65 -18.17
C GLU A 107 14.44 -19.90 -17.42
N ALA A 108 15.00 -21.02 -17.83
CA ALA A 108 14.81 -22.29 -17.09
C ALA A 108 15.20 -22.24 -15.64
N ALA A 109 16.35 -21.67 -15.38
CA ALA A 109 16.84 -21.55 -14.03
C ALA A 109 15.88 -20.70 -13.21
N ALA A 110 15.45 -19.56 -13.78
CA ALA A 110 14.47 -18.70 -13.09
C ALA A 110 13.17 -19.40 -12.73
N LEU A 111 12.55 -20.09 -13.67
CA LEU A 111 11.28 -20.72 -13.43
C LEU A 111 11.47 -21.85 -12.44
N ARG A 112 12.58 -22.55 -12.54
CA ARG A 112 12.88 -23.64 -11.62
C ARG A 112 13.13 -23.11 -10.19
N GLU A 113 13.97 -22.09 -10.05
CA GLU A 113 14.24 -21.52 -8.73
C GLU A 113 12.96 -20.93 -8.13
N LEU A 114 12.15 -20.25 -8.94
CA LEU A 114 10.90 -19.70 -8.46
C LEU A 114 9.98 -20.79 -7.89
N GLU A 115 9.84 -21.91 -8.61
CA GLU A 115 9.01 -22.98 -8.12
C GLU A 115 9.58 -23.62 -6.85
N GLU A 116 10.89 -23.87 -6.82
CA GLU A 116 11.54 -24.49 -5.66
C GLU A 116 11.41 -23.63 -4.43
N GLU A 117 11.55 -22.32 -4.61
CA GLU A 117 11.61 -21.44 -3.46
C GLU A 117 10.26 -20.96 -2.97
N THR A 118 9.32 -20.82 -3.88
CA THR A 118 8.02 -20.29 -3.58
C THR A 118 6.82 -21.20 -3.79
N GLY A 119 7.01 -22.23 -4.59
CA GLY A 119 5.92 -23.08 -5.04
C GLY A 119 5.22 -22.63 -6.29
N TYR A 120 5.35 -21.34 -6.65
CA TYR A 120 4.65 -20.86 -7.80
C TYR A 120 5.25 -21.27 -9.14
N LYS A 121 4.34 -21.46 -10.10
CA LYS A 121 4.70 -21.77 -11.45
C LYS A 121 4.48 -20.58 -12.34
N GLY A 122 5.57 -19.98 -12.74
CA GLY A 122 5.54 -18.74 -13.48
C GLY A 122 5.45 -18.91 -14.95
N ASP A 123 5.31 -17.79 -15.64
CA ASP A 123 5.45 -17.71 -17.10
C ASP A 123 6.48 -16.66 -17.43
N ILE A 124 7.44 -16.93 -18.31
CA ILE A 124 8.46 -15.95 -18.67
C ILE A 124 7.86 -14.69 -19.29
N ALA A 125 8.31 -13.55 -18.81
CA ALA A 125 8.04 -12.21 -19.49
C ALA A 125 9.20 -11.61 -20.16
N GLU A 126 10.36 -11.51 -19.52
CA GLU A 126 11.52 -10.91 -20.07
C GLU A 126 12.72 -11.41 -19.32
N CYS A 127 13.83 -11.29 -19.99
CA CYS A 127 15.12 -11.74 -19.47
C CYS A 127 16.20 -10.71 -19.80
N SER A 128 16.87 -10.21 -18.79
CA SER A 128 17.93 -9.22 -18.95
C SER A 128 19.18 -9.83 -19.49
N PRO A 129 20.05 -9.02 -20.09
CA PRO A 129 21.44 -9.45 -20.27
C PRO A 129 22.08 -9.70 -18.91
N ALA A 130 23.26 -10.30 -18.91
CA ALA A 130 23.95 -10.52 -17.67
C ALA A 130 24.35 -9.19 -17.06
N VAL A 131 23.98 -9.01 -15.80
CA VAL A 131 24.17 -7.78 -15.04
C VAL A 131 25.01 -8.04 -13.81
N CYS A 132 25.80 -7.06 -13.40
CA CYS A 132 26.78 -7.32 -12.37
C CYS A 132 26.27 -7.03 -10.98
N MET A 133 26.62 -7.94 -10.07
CA MET A 133 26.26 -7.89 -8.66
C MET A 133 26.98 -6.87 -7.78
N ASP A 134 28.31 -6.74 -7.92
CA ASP A 134 29.04 -5.82 -7.09
C ASP A 134 30.42 -5.67 -7.75
N PRO A 135 30.47 -4.89 -8.83
CA PRO A 135 31.53 -4.98 -9.82
C PRO A 135 32.88 -4.46 -9.31
N GLY A 136 32.89 -3.66 -8.25
CA GLY A 136 34.13 -3.21 -7.61
C GLY A 136 34.75 -4.26 -6.69
N LEU A 137 34.05 -5.36 -6.50
CA LEU A 137 34.45 -6.45 -5.57
C LEU A 137 34.54 -7.81 -6.28
N SER A 138 33.57 -8.18 -7.11
CA SER A 138 33.47 -9.50 -7.70
C SER A 138 33.13 -9.46 -9.19
N ASN A 139 33.29 -10.59 -9.86
CA ASN A 139 32.88 -10.73 -11.27
C ASN A 139 31.46 -11.30 -11.34
N CYS A 140 30.76 -11.40 -10.22
CA CYS A 140 29.48 -12.16 -10.15
C CYS A 140 28.43 -11.43 -10.96
N THR A 141 27.77 -12.22 -11.80
CA THR A 141 26.69 -11.75 -12.64
C THR A 141 25.43 -12.59 -12.47
N ILE A 142 24.31 -11.97 -12.81
CA ILE A 142 23.02 -12.63 -12.90
C ILE A 142 22.28 -12.17 -14.12
N HIS A 143 21.31 -12.99 -14.56
CA HIS A 143 20.20 -12.51 -15.35
C HIS A 143 19.02 -12.25 -14.41
N ILE A 144 18.41 -11.07 -14.61
CA ILE A 144 17.20 -10.70 -13.93
C ILE A 144 16.08 -11.06 -14.86
N VAL A 145 15.31 -12.02 -14.44
CA VAL A 145 14.20 -12.60 -15.21
C VAL A 145 12.88 -12.22 -14.63
N THR A 146 12.05 -11.52 -15.40
CA THR A 146 10.72 -11.11 -14.99
C THR A 146 9.80 -12.21 -15.39
N VAL A 147 9.00 -12.69 -14.44
CA VAL A 147 8.08 -13.78 -14.62
C VAL A 147 6.71 -13.32 -14.11
N THR A 148 5.64 -13.62 -14.82
CA THR A 148 4.30 -13.44 -14.30
C THR A 148 3.76 -14.74 -13.69
N ILE A 149 2.96 -14.66 -12.64
CA ILE A 149 2.41 -15.86 -12.02
C ILE A 149 0.89 -15.69 -12.20
N ASN A 150 0.21 -16.67 -12.81
CA ASN A 150 -1.24 -16.50 -12.97
C ASN A 150 -1.81 -17.11 -11.68
N GLY A 151 -2.12 -16.26 -10.68
CA GLY A 151 -2.61 -16.78 -9.42
C GLY A 151 -4.07 -17.25 -9.44
N ASP A 152 -4.78 -17.07 -10.55
CA ASP A 152 -6.10 -17.71 -10.78
C ASP A 152 -5.96 -19.21 -11.18
N ASP A 153 -4.80 -19.61 -11.70
CA ASP A 153 -4.60 -21.00 -12.10
C ASP A 153 -4.57 -21.89 -10.87
N ALA A 154 -5.27 -23.00 -10.95
CA ALA A 154 -5.35 -23.97 -9.85
C ALA A 154 -3.94 -24.47 -9.43
N GLU A 155 -3.02 -24.60 -10.42
CA GLU A 155 -1.59 -24.86 -10.16
C GLU A 155 -1.01 -23.97 -9.05
N ASN A 156 -1.45 -22.73 -8.99
CA ASN A 156 -0.88 -21.71 -8.11
C ASN A 156 -1.77 -21.32 -6.98
N ALA A 157 -2.71 -22.21 -6.63
CA ALA A 157 -3.72 -21.88 -5.62
C ALA A 157 -3.13 -21.96 -4.24
N ARG A 158 -2.58 -23.12 -3.88
CA ARG A 158 -2.04 -23.33 -2.52
C ARG A 158 -0.58 -23.78 -2.65
N PRO A 159 0.27 -22.95 -3.29
CA PRO A 159 1.61 -23.34 -3.72
C PRO A 159 2.50 -23.95 -2.62
N LYS A 160 3.21 -25.02 -2.96
CA LYS A 160 4.03 -25.78 -2.03
C LYS A 160 5.54 -25.61 -2.38
N PRO A 161 6.29 -24.78 -1.66
CA PRO A 161 7.78 -24.80 -1.88
C PRO A 161 8.44 -26.20 -1.91
N LYS A 162 9.45 -26.36 -2.76
CA LYS A 162 10.21 -27.59 -2.92
C LYS A 162 11.69 -27.25 -2.76
N PRO A 163 12.06 -26.85 -1.55
CA PRO A 163 13.40 -26.34 -1.32
C PRO A 163 14.45 -27.48 -1.40
N GLY A 164 15.63 -27.18 -1.92
CA GLY A 164 16.75 -28.16 -1.96
C GLY A 164 17.34 -28.36 -0.59
N ASP A 165 18.35 -29.23 -0.49
CA ASP A 165 18.97 -29.50 0.81
C ASP A 165 19.60 -28.21 1.42
N GLY A 166 19.23 -27.89 2.66
CA GLY A 166 19.78 -26.72 3.34
C GLY A 166 19.13 -25.37 2.97
N GLU A 167 18.08 -25.44 2.16
CA GLU A 167 17.34 -24.25 1.76
C GLU A 167 16.16 -24.18 2.65
N PHE A 168 15.97 -23.02 3.31
CA PHE A 168 14.93 -22.81 4.29
C PHE A 168 14.34 -21.43 3.99
N VAL A 169 13.21 -21.43 3.29
CA VAL A 169 12.68 -20.20 2.69
C VAL A 169 11.25 -19.86 3.17
N GLU A 170 11.04 -18.59 3.53
CA GLU A 170 9.70 -18.00 3.77
C GLU A 170 9.33 -17.12 2.58
N VAL A 171 8.10 -17.21 2.11
CA VAL A 171 7.60 -16.44 0.99
C VAL A 171 6.83 -15.25 1.53
N ILE A 172 7.13 -14.06 1.00
CA ILE A 172 6.44 -12.85 1.39
C ILE A 172 6.01 -12.13 0.15
N SER A 173 4.71 -12.11 -0.08
CA SER A 173 4.15 -11.39 -1.20
C SER A 173 3.60 -10.04 -0.85
N LEU A 174 4.07 -9.00 -1.50
CA LEU A 174 3.72 -7.60 -1.18
C LEU A 174 3.15 -6.86 -2.36
N PRO A 175 2.10 -6.02 -2.15
CA PRO A 175 1.57 -5.33 -3.29
C PRO A 175 2.49 -4.40 -3.93
N LYS A 176 2.58 -4.53 -5.25
CA LYS A 176 3.43 -3.72 -6.04
C LYS A 176 3.19 -2.21 -5.83
N ASN A 177 1.92 -1.83 -5.68
CA ASN A 177 1.57 -0.43 -5.52
C ASN A 177 1.90 0.15 -4.18
N ASP A 178 2.40 -0.63 -3.24
CA ASP A 178 2.87 -0.07 -1.97
C ASP A 178 4.18 -0.73 -1.54
N LEU A 179 5.04 -1.14 -2.51
CA LEU A 179 6.11 -2.05 -2.12
C LEU A 179 7.14 -1.40 -1.17
N LEU A 180 7.57 -0.19 -1.46
CA LEU A 180 8.59 0.47 -0.66
C LEU A 180 8.06 0.64 0.81
N GLN A 181 6.81 1.04 0.99
CA GLN A 181 6.32 1.27 2.34
C GLN A 181 6.15 -0.02 3.07
N ARG A 182 5.80 -1.10 2.35
CA ARG A 182 5.61 -2.38 3.01
C ARG A 182 6.90 -3.06 3.45
N LEU A 183 7.95 -2.84 2.64
CA LEU A 183 9.31 -3.18 2.96
C LEU A 183 9.84 -2.43 4.18
N ASP A 184 9.74 -1.11 4.13
CA ASP A 184 10.08 -0.25 5.32
C ASP A 184 9.38 -0.79 6.58
N ALA A 185 8.09 -1.10 6.51
CA ALA A 185 7.35 -1.65 7.64
C ALA A 185 7.85 -2.99 8.17
N LEU A 186 8.33 -3.87 7.28
CA LEU A 186 8.99 -5.08 7.69
C LEU A 186 10.33 -4.83 8.37
N VAL A 187 11.11 -3.88 7.86
CA VAL A 187 12.39 -3.50 8.39
C VAL A 187 12.13 -2.84 9.78
N ALA A 188 11.09 -2.00 9.89
CA ALA A 188 10.77 -1.40 11.22
C ALA A 188 10.47 -2.45 12.31
N GLU A 189 9.86 -3.58 11.92
CA GLU A 189 9.33 -4.63 12.84
C GLU A 189 10.32 -5.72 13.27
N GLU A 190 11.34 -6.04 12.45
CA GLU A 190 12.36 -7.07 12.81
C GLU A 190 13.77 -6.67 12.36
N HIS A 191 14.80 -7.33 12.91
CA HIS A 191 16.16 -7.28 12.34
C HIS A 191 16.14 -8.14 11.05
N LEU A 192 16.13 -7.44 9.94
CA LEU A 192 16.22 -8.06 8.64
C LEU A 192 16.79 -7.01 7.71
N THR A 193 17.45 -7.45 6.66
CA THR A 193 18.00 -6.56 5.69
C THR A 193 17.27 -6.79 4.35
N VAL A 194 16.94 -5.71 3.68
CA VAL A 194 16.38 -5.79 2.35
C VAL A 194 17.52 -5.77 1.36
N ASP A 195 17.40 -6.62 0.36
CA ASP A 195 18.35 -6.64 -0.72
C ASP A 195 18.31 -5.36 -1.55
N ALA A 196 19.49 -4.97 -2.00
CA ALA A 196 19.64 -3.71 -2.77
C ALA A 196 18.90 -3.69 -4.10
N ARG A 197 18.83 -4.82 -4.77
CA ARG A 197 18.01 -4.90 -6.01
C ARG A 197 16.50 -4.76 -5.74
N VAL A 198 16.02 -5.39 -4.69
CA VAL A 198 14.62 -5.26 -4.28
C VAL A 198 14.34 -3.82 -3.90
N TYR A 199 15.25 -3.21 -3.15
CA TYR A 199 15.02 -1.85 -2.64
C TYR A 199 15.03 -0.88 -3.85
N SER A 200 15.91 -1.13 -4.77
CA SER A 200 16.04 -0.36 -6.00
C SER A 200 14.74 -0.41 -6.81
N TYR A 201 14.22 -1.60 -6.98
CA TYR A 201 12.98 -1.84 -7.72
C TYR A 201 11.87 -1.12 -7.03
N ALA A 202 11.78 -1.23 -5.70
CA ALA A 202 10.73 -0.54 -4.93
C ALA A 202 10.84 0.99 -5.00
N LEU A 203 12.06 1.51 -4.96
CA LEU A 203 12.29 2.96 -5.16
C LEU A 203 11.80 3.45 -6.53
N ALA A 204 12.22 2.78 -7.61
CA ALA A 204 11.71 3.13 -8.95
C ALA A 204 10.17 3.08 -9.03
N LEU A 205 9.51 2.14 -8.39
CA LEU A 205 8.03 2.04 -8.40
C LEU A 205 7.42 3.33 -7.78
N LYS A 206 8.04 3.82 -6.70
CA LYS A 206 7.65 5.11 -6.09
C LYS A 206 7.95 6.23 -7.02
N HIS A 207 9.15 6.28 -7.60
CA HIS A 207 9.61 7.37 -8.46
C HIS A 207 8.85 7.48 -9.77
N ALA A 208 8.26 6.37 -10.23
CA ALA A 208 7.38 6.41 -11.35
C ALA A 208 5.98 6.86 -10.82
N LYS B 15 15.77 -18.54 14.70
CA LYS B 15 15.98 -20.02 14.63
C LYS B 15 17.37 -20.39 14.14
N GLN B 16 17.88 -19.64 13.15
CA GLN B 16 19.22 -19.81 12.62
C GLN B 16 20.20 -18.77 13.15
N TYR B 17 21.45 -19.18 13.29
CA TYR B 17 22.42 -18.27 13.83
C TYR B 17 23.83 -18.68 13.48
N ILE B 18 24.73 -17.71 13.54
CA ILE B 18 26.15 -17.93 13.36
C ILE B 18 26.72 -18.59 14.66
N ILE B 19 27.60 -19.56 14.46
CA ILE B 19 28.29 -20.28 15.53
C ILE B 19 29.70 -19.72 15.57
N SER B 20 30.45 -19.84 14.47
CA SER B 20 31.79 -19.25 14.38
C SER B 20 32.21 -18.87 12.98
N GLU B 21 33.28 -18.06 12.90
CA GLU B 21 33.83 -17.61 11.64
C GLU B 21 35.31 -17.94 11.71
N GLU B 22 35.81 -18.61 10.68
CA GLU B 22 37.22 -18.93 10.54
C GLU B 22 37.77 -18.14 9.39
N LEU B 23 38.75 -17.27 9.65
CA LEU B 23 39.50 -16.66 8.56
C LEU B 23 40.18 -17.65 7.59
N ILE B 24 39.84 -17.65 6.31
CA ILE B 24 40.60 -18.42 5.29
C ILE B 24 41.74 -17.58 4.68
N SER B 25 41.45 -16.32 4.38
CA SER B 25 42.42 -15.47 3.65
C SER B 25 42.01 -13.99 3.74
N GLU B 26 42.99 -13.11 4.00
CA GLU B 26 42.78 -11.71 4.26
C GLU B 26 43.71 -10.97 3.37
N GLY B 27 43.18 -10.20 2.43
CA GLY B 27 43.97 -9.28 1.63
C GLY B 27 43.96 -7.90 2.23
N LYS B 28 44.38 -6.91 1.45
CA LYS B 28 44.27 -5.55 1.89
C LYS B 28 42.83 -5.02 1.96
N TRP B 29 42.03 -5.42 0.96
CA TRP B 29 40.68 -4.87 0.77
C TRP B 29 39.56 -5.88 1.06
N VAL B 30 39.84 -7.17 0.93
CA VAL B 30 38.78 -8.24 0.99
C VAL B 30 39.32 -9.43 1.79
N LYS B 31 38.46 -10.05 2.62
CA LYS B 31 38.75 -11.34 3.25
C LYS B 31 37.71 -12.40 2.94
N LEU B 32 38.14 -13.67 2.97
CA LEU B 32 37.33 -14.83 2.79
C LEU B 32 37.30 -15.64 4.07
N GLU B 33 36.10 -15.99 4.51
CA GLU B 33 35.87 -16.64 5.81
C GLU B 33 35.08 -17.91 5.62
N LYS B 34 35.26 -18.86 6.53
CA LYS B 34 34.44 -20.05 6.49
C LYS B 34 33.52 -19.89 7.67
N THR B 35 32.22 -19.78 7.40
CA THR B 35 31.20 -19.53 8.41
C THR B 35 30.51 -20.80 8.84
N THR B 36 30.46 -21.04 10.15
CA THR B 36 29.61 -22.12 10.63
C THR B 36 28.31 -21.58 11.24
N TYR B 37 27.20 -22.23 10.91
CA TYR B 37 25.89 -21.80 11.35
C TYR B 37 25.00 -22.97 11.62
N MET B 38 24.01 -22.71 12.46
CA MET B 38 23.02 -23.71 12.83
C MET B 38 21.86 -23.51 11.89
N ASP B 39 21.51 -24.57 11.17
CA ASP B 39 20.34 -24.56 10.30
C ASP B 39 19.12 -24.81 11.20
N PRO B 40 17.89 -24.60 10.70
CA PRO B 40 16.73 -24.65 11.61
C PRO B 40 16.38 -26.03 12.19
N THR B 41 16.92 -27.09 11.62
CA THR B 41 16.72 -28.44 12.15
C THR B 41 17.59 -28.76 13.36
N GLY B 42 18.48 -27.85 13.78
CA GLY B 42 19.53 -28.17 14.76
C GLY B 42 20.79 -28.78 14.13
N LYS B 43 20.87 -28.80 12.80
CA LYS B 43 22.06 -29.27 12.09
C LYS B 43 23.03 -28.14 11.73
N THR B 44 24.31 -28.40 11.95
CA THR B 44 25.38 -27.44 11.79
C THR B 44 25.86 -27.51 10.36
N ARG B 45 26.06 -26.34 9.74
CA ARG B 45 26.42 -26.25 8.30
C ARG B 45 27.48 -25.18 8.11
N THR B 46 28.15 -25.18 6.94
CA THR B 46 29.15 -24.18 6.64
C THR B 46 28.84 -23.38 5.37
N TRP B 47 29.51 -22.24 5.26
CA TRP B 47 29.31 -21.30 4.15
C TRP B 47 30.62 -20.58 3.94
N GLU B 48 30.90 -20.20 2.69
CA GLU B 48 32.11 -19.40 2.36
C GLU B 48 31.62 -18.01 2.12
N SER B 49 32.15 -17.09 2.95
CA SER B 49 31.63 -15.74 3.05
C SER B 49 32.72 -14.78 2.76
N VAL B 50 32.36 -13.74 2.03
CA VAL B 50 33.33 -12.66 1.69
C VAL B 50 32.98 -11.44 2.51
N LYS B 51 33.99 -10.76 3.02
CA LYS B 51 33.80 -9.46 3.67
C LYS B 51 34.87 -8.47 3.22
N ARG B 52 34.49 -7.21 3.19
CA ARG B 52 35.49 -6.16 3.07
C ARG B 52 36.23 -5.97 4.42
N THR B 53 37.50 -5.67 4.35
CA THR B 53 38.30 -5.29 5.55
C THR B 53 38.16 -3.81 6.01
N THR B 54 37.41 -2.99 5.27
CA THR B 54 37.31 -1.55 5.45
C THR B 54 36.11 -1.02 6.27
N ARG B 55 35.16 -1.86 6.68
CA ARG B 55 33.98 -1.36 7.41
C ARG B 55 34.32 -1.00 8.86
N LYS B 56 33.62 -0.02 9.45
CA LYS B 56 33.83 0.48 10.84
C LYS B 56 32.63 0.29 11.78
N GLN B 58 30.72 2.28 10.66
CA GLN B 58 29.91 2.52 9.48
C GLN B 58 28.52 1.91 9.65
N THR B 59 27.52 2.60 9.08
CA THR B 59 26.16 2.07 8.93
C THR B 59 26.11 0.96 7.87
N ALA B 60 27.13 0.94 7.01
CA ALA B 60 27.20 0.15 5.77
C ALA B 60 28.58 0.33 5.17
N ASP B 61 28.94 -0.51 4.20
CA ASP B 61 30.23 -0.36 3.54
C ASP B 61 30.27 0.90 2.69
N GLY B 62 29.17 1.19 2.01
CA GLY B 62 29.18 2.08 0.85
C GLY B 62 27.84 2.79 0.70
N VAL B 63 27.87 3.74 -0.22
CA VAL B 63 26.68 4.39 -0.78
C VAL B 63 26.63 4.25 -2.27
N ALA B 64 25.40 4.20 -2.80
CA ALA B 64 25.12 4.31 -4.22
C ALA B 64 24.08 5.42 -4.33
N VAL B 65 24.27 6.29 -5.29
CA VAL B 65 23.49 7.46 -5.47
C VAL B 65 22.60 7.28 -6.71
N ILE B 66 21.32 7.47 -6.52
CA ILE B 66 20.36 7.63 -7.62
C ILE B 66 20.22 9.15 -7.98
N PRO B 67 20.95 9.59 -9.02
CA PRO B 67 21.03 11.06 -9.22
C PRO B 67 20.09 11.45 -10.31
N VAL B 68 19.04 12.17 -9.93
CA VAL B 68 17.98 12.57 -10.82
C VAL B 68 18.28 13.98 -11.30
N LEU B 69 18.73 14.10 -12.53
CA LEU B 69 19.07 15.41 -13.13
C LEU B 69 17.82 16.04 -13.70
N GLN B 70 17.43 17.15 -13.11
CA GLN B 70 16.21 17.87 -13.49
C GLN B 70 16.55 19.21 -14.17
N ARG B 71 16.24 19.34 -15.47
CA ARG B 71 16.44 20.56 -16.23
C ARG B 71 15.10 20.86 -16.82
N THR B 72 14.71 22.12 -16.72
CA THR B 72 13.46 22.48 -17.33
C THR B 72 13.52 22.39 -18.85
N LEU B 73 12.38 21.97 -19.40
CA LEU B 73 12.18 21.75 -20.79
C LEU B 73 12.97 20.60 -21.36
N HIS B 74 13.45 19.73 -20.47
CA HIS B 74 14.19 18.54 -20.86
C HIS B 74 13.54 17.36 -20.18
N TYR B 75 13.81 16.15 -20.71
CA TYR B 75 13.50 14.97 -19.91
C TYR B 75 14.33 14.89 -18.63
N GLU B 76 13.70 14.43 -17.58
CA GLU B 76 14.46 14.03 -16.39
C GLU B 76 15.43 12.94 -16.77
N CYS B 77 16.68 13.04 -16.28
CA CYS B 77 17.67 12.03 -16.53
C CYS B 77 18.14 11.41 -15.20
N ILE B 78 18.60 10.18 -15.35
CA ILE B 78 19.34 9.56 -14.30
C ILE B 78 20.78 9.59 -14.74
N VAL B 79 21.66 10.04 -13.83
CA VAL B 79 23.08 10.16 -14.10
C VAL B 79 23.84 8.90 -13.69
N LEU B 80 24.53 8.31 -14.60
CA LEU B 80 25.22 7.06 -14.34
C LEU B 80 26.70 7.21 -14.69
N VAL B 81 27.49 6.27 -14.21
CA VAL B 81 28.87 6.31 -14.53
C VAL B 81 29.35 5.05 -15.17
N LYS B 82 30.35 5.18 -16.03
CA LYS B 82 30.97 4.06 -16.70
C LYS B 82 32.44 4.02 -16.30
N GLN B 83 32.93 2.84 -15.94
CA GLN B 83 34.28 2.67 -15.37
C GLN B 83 34.75 1.29 -15.71
N PHE B 84 36.07 1.13 -15.83
CA PHE B 84 36.66 -0.20 -16.01
C PHE B 84 36.64 -0.84 -14.64
N ARG B 85 36.17 -2.08 -14.57
CA ARG B 85 36.07 -2.75 -13.25
C ARG B 85 36.92 -3.94 -13.28
N PRO B 86 38.01 -3.92 -12.51
CA PRO B 86 38.96 -5.05 -12.69
C PRO B 86 38.41 -6.43 -12.30
N PRO B 87 37.52 -6.50 -11.27
CA PRO B 87 36.94 -7.82 -11.04
C PRO B 87 36.13 -8.33 -12.23
N MET B 88 35.50 -7.43 -12.99
CA MET B 88 34.70 -7.86 -14.16
C MET B 88 35.53 -8.05 -15.41
N GLY B 89 36.74 -7.51 -15.42
CA GLY B 89 37.57 -7.52 -16.64
C GLY B 89 37.03 -6.65 -17.74
N GLY B 90 36.16 -5.72 -17.39
CA GLY B 90 35.57 -4.87 -18.42
C GLY B 90 34.90 -3.65 -17.83
N TYR B 91 34.25 -2.92 -18.72
CA TYR B 91 33.54 -1.69 -18.34
C TYR B 91 32.09 -1.98 -17.92
N CYS B 92 31.65 -1.26 -16.91
CA CYS B 92 30.35 -1.38 -16.24
C CYS B 92 29.68 -0.04 -16.14
N ILE B 93 28.37 -0.03 -16.30
CA ILE B 93 27.57 1.17 -16.14
C ILE B 93 26.87 1.02 -14.78
N GLU B 94 27.06 2.01 -13.91
CA GLU B 94 26.63 1.97 -12.54
C GLU B 94 26.06 3.29 -12.02
N PHE B 95 25.35 3.25 -10.90
CA PHE B 95 25.01 4.47 -10.09
C PHE B 95 26.33 4.96 -9.52
N PRO B 96 26.57 6.28 -9.52
CA PRO B 96 27.72 6.75 -8.75
C PRO B 96 27.74 6.21 -7.33
N ALA B 97 28.95 5.88 -6.87
CA ALA B 97 29.11 5.15 -5.69
C ALA B 97 30.55 5.10 -5.20
N GLY B 98 30.61 4.88 -3.89
CA GLY B 98 31.90 4.65 -3.23
C GLY B 98 31.75 4.31 -1.77
N LEU B 99 32.86 3.89 -1.18
CA LEU B 99 32.84 3.50 0.25
C LEU B 99 32.65 4.71 1.13
N ILE B 100 31.98 4.53 2.26
CA ILE B 100 31.79 5.62 3.19
C ILE B 100 33.10 5.77 3.99
N ASP B 101 33.56 7.00 4.17
CA ASP B 101 34.77 7.27 4.99
C ASP B 101 34.43 7.09 6.46
N ASP B 102 35.32 6.47 7.26
CA ASP B 102 35.06 6.33 8.73
C ASP B 102 34.63 7.70 9.36
N GLY B 103 33.55 7.68 10.15
CA GLY B 103 32.90 8.94 10.63
C GLY B 103 32.24 9.88 9.61
N GLU B 104 32.04 9.42 8.38
CA GLU B 104 31.25 10.19 7.39
C GLU B 104 29.87 9.58 7.45
N THR B 105 28.83 10.40 7.35
CA THR B 105 27.44 9.96 7.34
C THR B 105 27.04 9.49 5.92
N PRO B 106 26.07 8.55 5.78
CA PRO B 106 25.71 8.10 4.41
C PRO B 106 25.36 9.23 3.44
N GLU B 107 24.60 10.18 3.96
CA GLU B 107 24.19 11.35 3.15
C GLU B 107 25.38 12.16 2.64
N ALA B 108 26.39 12.33 3.48
CA ALA B 108 27.51 13.16 3.14
C ALA B 108 28.38 12.45 2.15
N ALA B 109 28.52 11.12 2.34
CA ALA B 109 29.21 10.26 1.40
C ALA B 109 28.59 10.32 0.01
N ALA B 110 27.26 10.38 -0.02
CA ALA B 110 26.48 10.46 -1.27
C ALA B 110 26.74 11.74 -2.04
N LEU B 111 26.62 12.86 -1.36
CA LEU B 111 26.96 14.12 -2.05
C LEU B 111 28.40 14.25 -2.48
N ARG B 112 29.33 13.74 -1.67
CA ARG B 112 30.74 13.80 -2.00
C ARG B 112 31.02 12.92 -3.19
N GLU B 113 30.57 11.65 -3.13
CA GLU B 113 30.81 10.76 -4.29
C GLU B 113 30.23 11.25 -5.57
N LEU B 114 29.01 11.76 -5.51
CA LEU B 114 28.38 12.26 -6.71
C LEU B 114 29.20 13.39 -7.28
N GLU B 115 29.66 14.30 -6.42
CA GLU B 115 30.50 15.40 -6.91
C GLU B 115 31.83 14.95 -7.48
N GLU B 116 32.54 14.09 -6.77
CA GLU B 116 33.80 13.56 -7.28
C GLU B 116 33.63 12.81 -8.59
N GLU B 117 32.62 11.94 -8.65
CA GLU B 117 32.48 11.13 -9.84
C GLU B 117 31.82 11.82 -11.04
N THR B 118 30.94 12.78 -10.78
CA THR B 118 30.16 13.40 -11.90
C THR B 118 30.40 14.90 -12.08
N GLY B 119 30.94 15.54 -11.05
CA GLY B 119 30.93 17.01 -10.97
C GLY B 119 29.61 17.63 -10.58
N TYR B 120 28.51 16.88 -10.41
CA TYR B 120 27.21 17.49 -10.00
C TYR B 120 27.08 17.65 -8.50
N LYS B 121 26.42 18.76 -8.11
CA LYS B 121 26.05 19.09 -6.75
C LYS B 121 24.59 18.92 -6.60
N GLY B 122 24.19 18.09 -5.65
CA GLY B 122 22.83 17.61 -5.58
C GLY B 122 22.29 17.84 -4.20
N ASP B 123 21.00 17.66 -4.07
CA ASP B 123 20.33 17.74 -2.80
C ASP B 123 19.82 16.36 -2.48
N ILE B 124 19.86 16.00 -1.20
CA ILE B 124 19.30 14.72 -0.71
C ILE B 124 17.76 14.65 -0.71
N ALA B 125 17.18 13.63 -1.35
CA ALA B 125 15.74 13.38 -1.30
C ALA B 125 15.32 12.35 -0.27
N GLU B 126 16.01 11.23 -0.24
CA GLU B 126 15.66 10.17 0.70
C GLU B 126 16.86 9.25 0.80
N CYS B 127 16.91 8.44 1.87
CA CYS B 127 18.07 7.55 2.17
C CYS B 127 17.56 6.22 2.67
N SER B 128 18.00 5.13 2.05
CA SER B 128 17.52 3.84 2.46
C SER B 128 18.19 3.41 3.76
N PRO B 129 17.61 2.42 4.48
CA PRO B 129 18.43 1.68 5.44
C PRO B 129 19.55 0.91 4.74
N ALA B 130 20.45 0.31 5.51
CA ALA B 130 21.49 -0.52 4.87
C ALA B 130 20.83 -1.69 4.12
N VAL B 131 21.23 -1.88 2.87
CA VAL B 131 20.70 -2.93 1.99
C VAL B 131 21.84 -3.82 1.49
N CYS B 132 21.58 -5.13 1.34
CA CYS B 132 22.67 -5.98 0.95
C CYS B 132 22.98 -6.10 -0.53
N MET B 133 24.27 -6.20 -0.87
CA MET B 133 24.72 -6.25 -2.23
C MET B 133 24.59 -7.66 -2.86
N ASP B 134 24.97 -8.71 -2.10
CA ASP B 134 24.97 -10.05 -2.64
C ASP B 134 24.98 -11.01 -1.45
N PRO B 135 23.84 -11.20 -0.80
CA PRO B 135 23.91 -11.77 0.57
C PRO B 135 24.21 -13.28 0.61
N GLY B 136 24.11 -14.01 -0.53
CA GLY B 136 24.56 -15.37 -0.60
C GLY B 136 26.07 -15.48 -0.71
N LEU B 137 26.77 -14.36 -0.90
CA LEU B 137 28.21 -14.37 -1.03
C LEU B 137 28.91 -13.52 0.00
N SER B 138 28.49 -12.25 0.21
CA SER B 138 29.21 -11.32 1.00
C SER B 138 28.33 -10.71 2.05
N ASN B 139 28.96 -10.02 3.00
CA ASN B 139 28.20 -9.24 3.91
C ASN B 139 28.08 -7.77 3.43
N CYS B 140 28.44 -7.44 2.18
CA CYS B 140 28.53 -6.04 1.75
C CYS B 140 27.19 -5.35 1.71
N THR B 141 27.16 -4.13 2.23
CA THR B 141 25.95 -3.36 2.25
C THR B 141 26.22 -1.94 1.80
N ILE B 142 25.16 -1.29 1.32
CA ILE B 142 25.16 0.10 0.96
C ILE B 142 23.93 0.79 1.46
N HIS B 143 23.99 2.13 1.48
CA HIS B 143 22.77 2.94 1.56
C HIS B 143 22.53 3.48 0.14
N ILE B 144 21.31 3.35 -0.33
CA ILE B 144 20.86 3.89 -1.59
C ILE B 144 20.31 5.29 -1.25
N VAL B 145 20.93 6.28 -1.85
CA VAL B 145 20.60 7.67 -1.56
C VAL B 145 20.09 8.31 -2.85
N THR B 146 18.81 8.68 -2.79
CA THR B 146 18.16 9.36 -3.91
C THR B 146 18.48 10.83 -3.75
N VAL B 147 18.95 11.42 -4.83
CA VAL B 147 19.41 12.81 -4.80
C VAL B 147 18.86 13.45 -6.04
N THR B 148 18.32 14.66 -5.92
CA THR B 148 17.99 15.39 -7.15
C THR B 148 19.06 16.42 -7.42
N ILE B 149 19.28 16.73 -8.69
CA ILE B 149 20.26 17.66 -9.19
C ILE B 149 19.53 18.77 -10.01
N ASN B 150 19.58 20.01 -9.50
CA ASN B 150 18.92 21.12 -10.20
C ASN B 150 19.88 21.50 -11.27
N GLY B 151 19.61 20.97 -12.44
CA GLY B 151 20.47 21.11 -13.61
C GLY B 151 20.45 22.54 -14.17
N ASP B 152 19.59 23.39 -13.68
CA ASP B 152 19.50 24.77 -14.18
C ASP B 152 20.33 25.72 -13.35
N ASP B 153 20.92 25.27 -12.24
CA ASP B 153 21.73 26.15 -11.36
C ASP B 153 23.09 26.27 -11.95
N ALA B 154 23.73 27.42 -11.71
CA ALA B 154 25.02 27.69 -12.26
C ALA B 154 26.10 26.71 -11.79
N GLU B 155 26.02 26.22 -10.55
CA GLU B 155 27.03 25.26 -10.07
C GLU B 155 26.97 23.90 -10.84
N ASN B 156 25.84 23.59 -11.52
CA ASN B 156 25.69 22.37 -12.37
C ASN B 156 25.71 22.64 -13.85
N ALA B 157 26.12 23.85 -14.24
CA ALA B 157 26.27 24.17 -15.65
C ALA B 157 27.40 23.39 -16.34
N ARG B 158 28.62 23.53 -15.80
CA ARG B 158 29.82 22.85 -16.32
C ARG B 158 30.34 22.02 -15.15
N PRO B 159 29.77 20.81 -15.00
CA PRO B 159 30.11 20.04 -13.78
C PRO B 159 31.59 19.61 -13.76
N LYS B 160 32.29 19.94 -12.66
CA LYS B 160 33.72 19.64 -12.48
C LYS B 160 33.94 18.28 -11.75
N PRO B 161 34.16 17.16 -12.48
CA PRO B 161 34.39 15.87 -11.76
C PRO B 161 35.77 15.83 -11.10
N LYS B 162 35.82 15.57 -9.79
CA LYS B 162 37.07 15.50 -9.00
C LYS B 162 37.46 14.04 -8.63
N PRO B 163 37.88 13.23 -9.62
CA PRO B 163 38.21 11.86 -9.29
C PRO B 163 39.31 11.73 -8.24
N GLY B 164 39.19 10.76 -7.34
CA GLY B 164 40.34 10.36 -6.49
C GLY B 164 41.47 9.70 -7.31
N ASP B 165 42.55 9.33 -6.62
CA ASP B 165 43.68 8.66 -7.27
C ASP B 165 43.21 7.32 -7.86
N GLY B 166 43.59 7.03 -9.11
CA GLY B 166 43.24 5.77 -9.79
C GLY B 166 41.74 5.52 -10.11
N GLU B 167 40.93 6.58 -10.05
CA GLU B 167 39.55 6.55 -10.45
C GLU B 167 39.45 7.21 -11.84
N PHE B 168 38.80 6.53 -12.77
CA PHE B 168 38.64 7.01 -14.14
C PHE B 168 37.21 6.75 -14.58
N VAL B 169 36.44 7.83 -14.65
CA VAL B 169 34.97 7.75 -14.70
C VAL B 169 34.41 8.54 -15.88
N GLU B 170 33.59 7.91 -16.72
CA GLU B 170 32.82 8.63 -17.75
C GLU B 170 31.41 8.77 -17.25
N VAL B 171 30.78 9.87 -17.60
CA VAL B 171 29.50 10.19 -17.01
C VAL B 171 28.51 9.97 -18.15
N ILE B 172 27.40 9.29 -17.84
CA ILE B 172 26.44 8.90 -18.86
C ILE B 172 25.07 9.19 -18.26
N SER B 173 24.42 10.22 -18.82
CA SER B 173 23.08 10.63 -18.46
C SER B 173 22.05 10.09 -19.41
N LEU B 174 21.04 9.41 -18.86
CA LEU B 174 20.01 8.80 -19.66
C LEU B 174 18.64 9.19 -19.23
N PRO B 175 17.74 9.38 -20.20
CA PRO B 175 16.41 9.78 -19.78
C PRO B 175 15.71 8.77 -18.90
N LYS B 176 15.18 9.20 -17.76
CA LYS B 176 14.49 8.34 -16.79
C LYS B 176 13.30 7.57 -17.47
N ASN B 177 12.47 8.27 -18.26
CA ASN B 177 11.26 7.61 -18.82
C ASN B 177 11.55 6.52 -19.91
N ASP B 178 12.78 6.38 -20.39
CA ASP B 178 13.11 5.32 -21.35
C ASP B 178 14.37 4.56 -20.88
N LEU B 179 14.58 4.53 -19.55
CA LEU B 179 15.90 4.10 -19.04
C LEU B 179 16.23 2.70 -19.50
N LEU B 180 15.28 1.77 -19.36
CA LEU B 180 15.57 0.39 -19.63
C LEU B 180 15.96 0.17 -21.10
N GLN B 181 15.16 0.75 -22.02
CA GLN B 181 15.49 0.65 -23.46
C GLN B 181 16.86 1.29 -23.81
N ARG B 182 17.17 2.43 -23.19
CA ARG B 182 18.46 3.06 -23.40
C ARG B 182 19.64 2.22 -22.90
N LEU B 183 19.48 1.55 -21.76
CA LEU B 183 20.51 0.67 -21.25
C LEU B 183 20.69 -0.60 -22.12
N ASP B 184 19.57 -1.18 -22.49
CA ASP B 184 19.59 -2.38 -23.41
C ASP B 184 20.39 -2.05 -24.68
N ALA B 185 20.17 -0.85 -25.20
CA ALA B 185 20.92 -0.39 -26.39
C ALA B 185 22.42 -0.27 -26.11
N LEU B 186 22.81 0.32 -24.98
CA LEU B 186 24.21 0.40 -24.67
C LEU B 186 24.92 -0.93 -24.57
N VAL B 187 24.27 -1.92 -23.95
CA VAL B 187 24.77 -3.27 -23.90
C VAL B 187 24.90 -3.88 -25.32
N ALA B 188 23.88 -3.71 -26.15
CA ALA B 188 23.87 -4.30 -27.49
C ALA B 188 24.98 -3.73 -28.38
N GLU B 189 25.27 -2.45 -28.20
CA GLU B 189 26.17 -1.74 -29.08
C GLU B 189 27.58 -1.57 -28.52
N GLU B 190 27.72 -1.41 -27.20
CA GLU B 190 29.01 -1.00 -26.62
C GLU B 190 29.72 -2.07 -25.72
N HIS B 191 29.27 -3.33 -25.74
CA HIS B 191 29.73 -4.43 -24.80
C HIS B 191 30.09 -4.01 -23.36
N LEU B 192 29.17 -3.28 -22.75
CA LEU B 192 29.21 -2.94 -21.33
C LEU B 192 28.39 -3.96 -20.52
N THR B 193 28.70 -4.06 -19.23
CA THR B 193 27.82 -4.72 -18.27
C THR B 193 27.10 -3.63 -17.45
N VAL B 194 25.75 -3.72 -17.41
CA VAL B 194 24.96 -2.89 -16.56
C VAL B 194 24.89 -3.51 -15.17
N ASP B 195 24.99 -2.66 -14.17
CA ASP B 195 24.82 -3.02 -12.78
C ASP B 195 23.43 -3.48 -12.44
N ALA B 196 23.31 -4.48 -11.59
CA ALA B 196 22.01 -5.05 -11.29
C ALA B 196 21.03 -4.15 -10.59
N ARG B 197 21.53 -3.25 -9.72
CA ARG B 197 20.70 -2.28 -9.10
C ARG B 197 20.17 -1.27 -10.13
N VAL B 198 21.02 -0.82 -11.02
CA VAL B 198 20.61 0.08 -12.11
C VAL B 198 19.53 -0.60 -12.97
N TYR B 199 19.81 -1.84 -13.37
CA TYR B 199 18.83 -2.60 -14.11
C TYR B 199 17.48 -2.83 -13.37
N SER B 200 17.51 -3.12 -12.09
CA SER B 200 16.34 -3.32 -11.33
C SER B 200 15.47 -2.08 -11.24
N TYR B 201 16.15 -0.95 -11.07
CA TYR B 201 15.49 0.38 -11.06
C TYR B 201 14.82 0.64 -12.43
N ALA B 202 15.53 0.40 -13.51
CA ALA B 202 15.03 0.62 -14.85
C ALA B 202 13.84 -0.27 -15.12
N LEU B 203 13.92 -1.54 -14.70
CA LEU B 203 12.80 -2.42 -14.88
C LEU B 203 11.55 -1.93 -14.20
N ALA B 204 11.67 -1.53 -12.93
CA ALA B 204 10.51 -1.04 -12.19
C ALA B 204 9.94 0.24 -12.78
N LEU B 205 10.76 1.08 -13.40
CA LEU B 205 10.21 2.31 -14.06
C LEU B 205 9.26 1.85 -15.16
N LYS B 206 9.62 0.79 -15.88
CA LYS B 206 8.69 0.22 -16.90
C LYS B 206 7.50 -0.56 -16.34
N HIS B 207 7.72 -1.31 -15.30
CA HIS B 207 6.69 -2.13 -14.66
C HIS B 207 5.63 -1.33 -13.85
N ALA B 208 5.98 -0.11 -13.44
CA ALA B 208 5.05 0.69 -12.69
C ALA B 208 3.74 0.95 -13.48
N ASN B 209 2.71 1.00 -12.67
CA ASN B 209 1.29 1.28 -12.95
C ASN B 209 0.62 0.08 -13.60
N GLN C 16 -18.11 -9.87 -11.99
CA GLN C 16 -19.15 -8.91 -12.51
C GLN C 16 -18.47 -7.58 -12.95
N TYR C 17 -19.03 -6.87 -13.91
CA TYR C 17 -18.43 -5.62 -14.37
C TYR C 17 -19.40 -4.69 -15.04
N ILE C 18 -18.99 -3.42 -15.10
CA ILE C 18 -19.81 -2.33 -15.65
C ILE C 18 -19.74 -2.50 -17.15
N ILE C 19 -20.88 -2.43 -17.83
CA ILE C 19 -21.00 -2.41 -19.32
C ILE C 19 -21.14 -0.96 -19.84
N SER C 20 -21.99 -0.15 -19.23
CA SER C 20 -22.11 1.25 -19.61
C SER C 20 -22.92 2.03 -18.59
N GLU C 21 -22.71 3.35 -18.63
CA GLU C 21 -23.34 4.30 -17.71
C GLU C 21 -24.02 5.42 -18.55
N GLU C 22 -25.35 5.30 -18.68
CA GLU C 22 -26.18 6.21 -19.44
C GLU C 22 -26.74 7.30 -18.53
N LEU C 23 -26.47 8.56 -18.89
CA LEU C 23 -26.92 9.72 -18.12
C LEU C 23 -28.44 9.94 -18.16
N ILE C 24 -29.13 9.96 -17.00
CA ILE C 24 -30.59 10.24 -16.89
C ILE C 24 -30.93 11.70 -16.49
N SER C 25 -30.06 12.39 -15.75
CA SER C 25 -30.25 13.82 -15.46
C SER C 25 -29.08 14.38 -14.67
N GLU C 26 -28.77 15.66 -14.85
CA GLU C 26 -27.54 16.25 -14.36
C GLU C 26 -27.78 17.65 -13.84
N GLY C 27 -27.72 17.80 -12.52
CA GLY C 27 -27.87 19.11 -11.90
C GLY C 27 -26.53 19.76 -11.69
N LYS C 28 -26.52 20.86 -10.95
CA LYS C 28 -25.28 21.55 -10.58
C LYS C 28 -24.42 20.78 -9.56
N TRP C 29 -25.06 19.91 -8.76
CA TRP C 29 -24.36 19.16 -7.66
C TRP C 29 -24.41 17.65 -7.65
N VAL C 30 -25.47 17.06 -8.22
CA VAL C 30 -25.64 15.61 -8.26
C VAL C 30 -26.15 15.25 -9.65
N LYS C 31 -26.03 13.98 -10.03
CA LYS C 31 -26.60 13.45 -11.27
C LYS C 31 -27.05 12.02 -11.07
N LEU C 32 -27.98 11.58 -11.92
CA LEU C 32 -28.57 10.25 -11.84
C LEU C 32 -28.13 9.56 -13.11
N GLU C 33 -28.01 8.23 -13.07
CA GLU C 33 -27.60 7.45 -14.23
C GLU C 33 -28.29 6.13 -14.28
N LYS C 34 -28.41 5.59 -15.49
CA LYS C 34 -28.78 4.19 -15.70
C LYS C 34 -27.42 3.51 -15.85
N THR C 35 -27.23 2.42 -15.09
CA THR C 35 -25.99 1.64 -15.03
C THR C 35 -26.36 0.33 -15.68
N THR C 36 -25.56 -0.21 -16.59
CA THR C 36 -25.81 -1.58 -17.11
C THR C 36 -24.56 -2.45 -16.86
N TYR C 37 -24.77 -3.67 -16.36
CA TYR C 37 -23.74 -4.53 -15.78
C TYR C 37 -23.98 -6.04 -16.04
N MET C 38 -22.91 -6.82 -16.17
CA MET C 38 -23.00 -8.31 -16.22
C MET C 38 -22.99 -8.92 -14.84
N ASP C 39 -23.97 -9.79 -14.57
CA ASP C 39 -23.99 -10.53 -13.31
C ASP C 39 -23.01 -11.67 -13.37
N PRO C 40 -22.89 -12.40 -12.25
CA PRO C 40 -22.03 -13.56 -12.05
C PRO C 40 -22.41 -14.76 -12.96
N THR C 41 -23.71 -15.01 -13.12
CA THR C 41 -24.20 -16.13 -13.96
C THR C 41 -24.14 -15.88 -15.48
N GLY C 42 -23.66 -14.70 -15.91
CA GLY C 42 -23.58 -14.30 -17.33
C GLY C 42 -24.59 -13.24 -17.78
N LYS C 43 -25.79 -13.25 -17.17
CA LYS C 43 -26.89 -12.33 -17.51
C LYS C 43 -26.62 -10.81 -17.33
N THR C 44 -27.13 -10.04 -18.29
CA THR C 44 -26.97 -8.58 -18.36
C THR C 44 -28.12 -7.94 -17.53
N ARG C 45 -27.82 -6.98 -16.62
CA ARG C 45 -28.86 -6.33 -15.79
C ARG C 45 -28.63 -4.85 -15.69
N THR C 46 -29.52 -4.14 -15.00
CA THR C 46 -29.42 -2.71 -14.93
C THR C 46 -29.70 -2.15 -13.47
N TRP C 47 -29.35 -0.91 -13.26
CA TRP C 47 -29.43 -0.27 -11.93
C TRP C 47 -29.49 1.23 -12.11
N GLU C 48 -30.19 1.92 -11.22
CA GLU C 48 -30.17 3.38 -11.20
C GLU C 48 -29.17 3.84 -10.12
N SER C 49 -28.18 4.62 -10.56
CA SER C 49 -27.02 5.03 -9.73
C SER C 49 -26.91 6.54 -9.62
N VAL C 50 -26.61 7.00 -8.41
CA VAL C 50 -26.38 8.41 -8.14
C VAL C 50 -24.89 8.70 -8.00
N LYS C 51 -24.45 9.84 -8.57
CA LYS C 51 -23.07 10.28 -8.46
C LYS C 51 -23.09 11.78 -8.29
N ARG C 52 -22.16 12.32 -7.51
CA ARG C 52 -22.01 13.80 -7.35
C ARG C 52 -21.22 14.29 -8.55
N THR C 53 -21.25 15.61 -8.79
CA THR C 53 -20.57 16.26 -9.93
C THR C 53 -19.42 17.20 -9.51
N THR C 54 -18.95 17.01 -8.28
CA THR C 54 -17.92 17.82 -7.64
C THR C 54 -16.58 17.05 -7.56
N ARG C 55 -16.57 15.75 -7.91
CA ARG C 55 -15.46 14.82 -7.62
C ARG C 55 -14.38 14.84 -8.69
N LYS C 56 -13.15 15.19 -8.29
CA LYS C 56 -11.94 14.99 -9.14
C LYS C 56 -11.55 13.50 -9.16
N GLN C 58 -9.23 13.61 -6.84
CA GLN C 58 -9.96 13.51 -5.59
C GLN C 58 -9.96 12.04 -5.12
N THR C 59 -9.32 11.79 -3.97
CA THR C 59 -9.30 10.46 -3.33
C THR C 59 -10.73 9.89 -3.16
N ALA C 60 -11.61 10.81 -2.84
CA ALA C 60 -12.99 10.55 -2.46
C ALA C 60 -13.73 11.87 -2.53
N ASP C 61 -15.06 11.80 -2.37
CA ASP C 61 -15.83 12.99 -2.42
C ASP C 61 -15.51 13.91 -1.26
N GLY C 62 -15.51 13.32 -0.05
CA GLY C 62 -15.46 14.19 1.17
C GLY C 62 -14.73 13.53 2.28
N VAL C 63 -14.78 14.18 3.43
CA VAL C 63 -14.21 13.60 4.65
C VAL C 63 -15.27 13.76 5.76
N ALA C 64 -15.23 12.84 6.71
CA ALA C 64 -16.01 12.87 7.93
C ALA C 64 -14.94 12.78 9.03
N VAL C 65 -15.08 13.59 10.06
CA VAL C 65 -14.09 13.75 11.05
C VAL C 65 -14.68 13.16 12.32
N ILE C 66 -14.00 12.15 12.88
CA ILE C 66 -14.28 11.66 14.21
C ILE C 66 -13.42 12.49 15.21
N PRO C 67 -14.03 13.53 15.88
CA PRO C 67 -13.25 14.45 16.62
C PRO C 67 -13.30 14.11 18.09
N VAL C 68 -12.19 13.66 18.60
CA VAL C 68 -12.14 13.13 19.94
C VAL C 68 -11.52 14.25 20.83
N LEU C 69 -12.41 14.84 21.64
CA LEU C 69 -12.04 15.95 22.57
C LEU C 69 -11.44 15.37 23.83
N GLN C 70 -10.19 15.67 24.07
CA GLN C 70 -9.38 15.09 25.12
C GLN C 70 -9.03 16.14 26.14
N ARG C 71 -9.28 15.83 27.40
CA ARG C 71 -9.04 16.82 28.48
C ARG C 71 -8.53 16.12 29.70
N THR C 72 -7.60 16.76 30.41
CA THR C 72 -6.92 16.19 31.55
C THR C 72 -7.89 15.63 32.55
N LEU C 73 -8.92 16.41 32.82
CA LEU C 73 -9.88 16.09 33.88
C LEU C 73 -11.05 15.21 33.59
N HIS C 74 -11.27 14.84 32.29
CA HIS C 74 -12.55 14.37 31.85
C HIS C 74 -12.41 13.14 30.97
N TYR C 75 -13.49 12.41 30.94
CA TYR C 75 -13.58 11.33 29.95
C TYR C 75 -13.61 12.00 28.57
N GLU C 76 -13.24 11.26 27.56
CA GLU C 76 -13.26 11.83 26.17
C GLU C 76 -14.68 12.14 25.76
N CYS C 77 -14.84 13.17 24.88
CA CYS C 77 -16.07 13.41 24.19
C CYS C 77 -15.88 13.26 22.71
N ILE C 78 -16.96 12.96 22.04
CA ILE C 78 -17.02 12.94 20.59
C ILE C 78 -17.73 14.24 20.20
N VAL C 79 -17.12 15.08 19.34
CA VAL C 79 -17.71 16.38 18.92
C VAL C 79 -18.55 16.19 17.67
N LEU C 80 -19.84 16.55 17.72
CA LEU C 80 -20.72 16.30 16.60
C LEU C 80 -21.36 17.65 16.24
N VAL C 81 -22.01 17.65 15.09
CA VAL C 81 -22.66 18.90 14.63
C VAL C 81 -24.08 18.60 14.30
N LYS C 82 -24.95 19.56 14.61
CA LYS C 82 -26.37 19.53 14.25
C LYS C 82 -26.60 20.64 13.26
N GLN C 83 -27.22 20.24 12.18
CA GLN C 83 -27.57 21.15 11.10
C GLN C 83 -28.84 20.72 10.36
N PHE C 84 -29.55 21.74 9.85
CA PHE C 84 -30.65 21.49 9.00
C PHE C 84 -30.14 20.96 7.69
N ARG C 85 -30.69 19.83 7.27
CA ARG C 85 -30.36 19.11 6.05
C ARG C 85 -31.53 19.10 5.11
N PRO C 86 -31.45 19.92 4.05
CA PRO C 86 -32.61 20.05 3.15
C PRO C 86 -33.16 18.74 2.57
N PRO C 87 -32.31 17.76 2.18
CA PRO C 87 -32.85 16.51 1.66
C PRO C 87 -33.69 15.69 2.67
N MET C 88 -33.35 15.85 3.94
CA MET C 88 -34.03 15.20 5.03
C MET C 88 -35.25 15.97 5.52
N GLY C 89 -35.34 17.24 5.18
CA GLY C 89 -36.40 18.10 5.72
C GLY C 89 -36.33 18.39 7.20
N GLY C 90 -35.14 18.35 7.79
CA GLY C 90 -35.03 18.50 9.22
C GLY C 90 -33.61 18.37 9.66
N TYR C 91 -33.44 18.36 10.98
CA TYR C 91 -32.17 18.48 11.62
C TYR C 91 -31.54 17.13 11.76
N CYS C 92 -30.20 17.12 11.53
CA CYS C 92 -29.42 15.88 11.62
C CYS C 92 -28.23 16.06 12.49
N ILE C 93 -27.84 14.99 13.20
CA ILE C 93 -26.72 14.94 14.05
C ILE C 93 -25.62 14.06 13.36
N GLU C 94 -24.50 14.69 13.09
CA GLU C 94 -23.44 14.12 12.22
C GLU C 94 -22.06 14.38 12.74
N PHE C 95 -21.10 13.57 12.25
CA PHE C 95 -19.74 13.97 12.37
C PHE C 95 -19.47 15.28 11.53
N PRO C 96 -18.61 16.21 12.03
CA PRO C 96 -18.14 17.34 11.12
C PRO C 96 -17.62 16.70 9.81
N ALA C 97 -18.00 17.34 8.72
CA ALA C 97 -17.81 16.76 7.43
C ALA C 97 -17.91 17.80 6.35
N GLY C 98 -17.17 17.58 5.26
CA GLY C 98 -17.38 18.37 4.07
C GLY C 98 -16.63 17.81 2.88
N LEU C 99 -16.84 18.41 1.73
CA LEU C 99 -16.16 17.92 0.50
C LEU C 99 -14.69 18.33 0.54
N ILE C 100 -13.84 17.50 -0.05
CA ILE C 100 -12.42 17.77 -0.17
C ILE C 100 -12.25 18.80 -1.33
N ASP C 101 -11.66 19.96 -1.03
CA ASP C 101 -11.35 21.00 -2.03
C ASP C 101 -10.34 20.47 -3.03
N ASP C 102 -10.30 21.10 -4.21
CA ASP C 102 -9.29 20.77 -5.25
C ASP C 102 -7.83 20.86 -4.72
N GLY C 103 -7.08 19.77 -4.89
CA GLY C 103 -5.67 19.70 -4.47
C GLY C 103 -5.43 19.81 -2.96
N GLU C 104 -6.45 19.47 -2.16
CA GLU C 104 -6.35 19.42 -0.70
C GLU C 104 -6.18 17.95 -0.37
N THR C 105 -5.35 17.63 0.60
CA THR C 105 -5.33 16.23 1.08
C THR C 105 -6.61 15.94 1.95
N PRO C 106 -7.04 14.65 2.06
CA PRO C 106 -8.13 14.34 3.03
C PRO C 106 -7.81 14.87 4.42
N GLU C 107 -6.52 14.77 4.85
CA GLU C 107 -6.13 15.25 6.16
C GLU C 107 -6.31 16.75 6.39
N ALA C 108 -5.94 17.59 5.41
CA ALA C 108 -6.01 19.00 5.56
C ALA C 108 -7.51 19.39 5.53
N ALA C 109 -8.26 18.77 4.62
CA ALA C 109 -9.72 18.91 4.56
C ALA C 109 -10.36 18.68 5.94
N ALA C 110 -9.91 17.63 6.62
CA ALA C 110 -10.52 17.24 7.88
C ALA C 110 -10.25 18.31 8.96
N LEU C 111 -9.01 18.78 9.07
CA LEU C 111 -8.69 19.86 10.06
C LEU C 111 -9.41 21.18 9.72
N ARG C 112 -9.49 21.49 8.43
CA ARG C 112 -10.20 22.71 8.01
C ARG C 112 -11.72 22.67 8.32
N GLU C 113 -12.38 21.60 7.89
CA GLU C 113 -13.82 21.45 8.12
C GLU C 113 -14.04 21.39 9.63
N LEU C 114 -13.19 20.65 10.33
CA LEU C 114 -13.35 20.58 11.80
C LEU C 114 -13.28 22.00 12.41
N GLU C 115 -12.23 22.78 12.06
CA GLU C 115 -12.09 24.13 12.58
C GLU C 115 -13.24 25.03 12.18
N GLU C 116 -13.71 24.92 10.95
CA GLU C 116 -14.82 25.76 10.43
C GLU C 116 -16.15 25.49 11.13
N GLU C 117 -16.43 24.21 11.33
CA GLU C 117 -17.71 23.76 11.78
C GLU C 117 -17.83 23.75 13.31
N THR C 118 -16.72 23.66 14.00
CA THR C 118 -16.73 23.60 15.46
C THR C 118 -15.86 24.60 16.19
N GLY C 119 -14.86 25.22 15.54
CA GLY C 119 -13.88 26.09 16.17
C GLY C 119 -12.72 25.35 16.73
N TYR C 120 -12.75 23.99 16.81
CA TYR C 120 -11.66 23.29 17.42
C TYR C 120 -10.46 23.14 16.48
N LYS C 121 -9.29 23.28 17.06
CA LYS C 121 -8.05 23.01 16.39
C LYS C 121 -7.56 21.63 16.85
N GLY C 122 -7.51 20.71 15.90
CA GLY C 122 -7.19 19.32 16.13
C GLY C 122 -5.88 18.85 15.55
N ASP C 123 -5.57 17.61 15.81
CA ASP C 123 -4.35 16.91 15.32
C ASP C 123 -4.78 15.59 14.65
N ILE C 124 -4.22 15.25 13.49
CA ILE C 124 -4.62 14.05 12.83
C ILE C 124 -4.15 12.85 13.65
N ALA C 125 -5.04 11.89 13.88
CA ALA C 125 -4.68 10.59 14.47
C ALA C 125 -4.56 9.45 13.44
N GLU C 126 -5.53 9.38 12.54
CA GLU C 126 -5.64 8.26 11.61
C GLU C 126 -6.57 8.69 10.46
N CYS C 127 -6.39 8.08 9.29
CA CYS C 127 -7.20 8.38 8.13
C CYS C 127 -7.53 7.06 7.40
N SER C 128 -8.82 6.80 7.25
CA SER C 128 -9.27 5.59 6.58
C SER C 128 -8.91 5.65 5.11
N PRO C 129 -8.99 4.47 4.47
CA PRO C 129 -9.12 4.54 3.01
C PRO C 129 -10.49 5.10 2.62
N ALA C 130 -10.71 5.31 1.33
CA ALA C 130 -12.10 5.60 0.82
C ALA C 130 -13.10 4.52 1.11
N VAL C 131 -14.22 4.90 1.79
CA VAL C 131 -15.24 4.01 2.25
C VAL C 131 -16.55 4.52 1.67
N CYS C 132 -17.39 3.57 1.30
CA CYS C 132 -18.64 3.88 0.56
C CYS C 132 -19.72 4.30 1.58
N MET C 133 -20.48 5.28 1.15
CA MET C 133 -21.63 5.86 1.88
C MET C 133 -22.93 5.07 1.78
N ASP C 134 -23.29 4.63 0.59
CA ASP C 134 -24.56 4.02 0.44
C ASP C 134 -24.46 3.28 -0.90
N PRO C 135 -23.71 2.16 -0.91
CA PRO C 135 -23.22 1.62 -2.18
C PRO C 135 -24.26 0.98 -3.12
N GLY C 136 -25.41 0.54 -2.57
CA GLY C 136 -26.58 0.06 -3.36
C GLY C 136 -27.36 1.14 -4.12
N LEU C 137 -26.91 2.38 -3.97
CA LEU C 137 -27.50 3.54 -4.56
C LEU C 137 -26.56 4.60 -5.11
N SER C 138 -25.41 4.90 -4.51
CA SER C 138 -24.57 5.99 -5.00
C SER C 138 -23.14 5.46 -4.97
N ASN C 139 -22.28 6.16 -5.67
CA ASN C 139 -20.80 5.88 -5.65
C ASN C 139 -20.08 6.75 -4.64
N CYS C 140 -20.83 7.46 -3.79
CA CYS C 140 -20.21 8.45 -2.90
C CYS C 140 -19.26 7.84 -1.90
N THR C 141 -18.13 8.50 -1.70
CA THR C 141 -17.10 8.01 -0.77
C THR C 141 -16.56 9.13 0.10
N ILE C 142 -16.04 8.71 1.23
CA ILE C 142 -15.34 9.63 2.10
C ILE C 142 -14.11 8.96 2.63
N HIS C 143 -13.23 9.78 3.22
CA HIS C 143 -12.32 9.28 4.21
C HIS C 143 -12.87 9.61 5.61
N ILE C 144 -12.81 8.62 6.48
CA ILE C 144 -13.11 8.84 7.91
C ILE C 144 -11.77 9.16 8.56
N VAL C 145 -11.66 10.37 9.13
CA VAL C 145 -10.44 10.82 9.63
C VAL C 145 -10.61 11.09 11.12
N THR C 146 -9.91 10.30 11.90
CA THR C 146 -9.95 10.46 13.36
C THR C 146 -9.06 11.62 13.71
N VAL C 147 -9.57 12.61 14.49
CA VAL C 147 -8.77 13.78 14.89
C VAL C 147 -8.84 14.01 16.38
N THR C 148 -7.71 14.19 17.04
CA THR C 148 -7.68 14.41 18.51
C THR C 148 -7.69 15.93 18.70
N ILE C 149 -8.43 16.41 19.69
CA ILE C 149 -8.43 17.82 20.03
C ILE C 149 -7.97 17.94 21.49
N ASN C 150 -6.90 18.67 21.74
CA ASN C 150 -6.42 18.99 23.08
C ASN C 150 -7.36 20.06 23.64
N GLY C 151 -8.30 19.64 24.44
CA GLY C 151 -9.32 20.56 24.97
C GLY C 151 -8.78 21.43 26.09
N ASP C 152 -7.60 21.15 26.60
CA ASP C 152 -6.98 21.95 27.65
C ASP C 152 -6.06 22.98 27.09
N ASP C 153 -5.81 22.94 25.79
CA ASP C 153 -4.88 23.95 25.23
C ASP C 153 -5.66 25.25 25.18
N ALA C 154 -4.99 26.31 25.61
CA ALA C 154 -5.60 27.59 25.69
C ALA C 154 -6.18 27.94 24.33
N GLU C 155 -5.48 27.58 23.24
CA GLU C 155 -6.05 27.84 21.93
C GLU C 155 -7.41 27.24 21.65
N ASN C 156 -7.80 26.18 22.38
CA ASN C 156 -9.12 25.59 22.29
C ASN C 156 -10.10 25.99 23.40
N ALA C 157 -9.76 27.04 24.16
CA ALA C 157 -10.53 27.42 25.33
C ALA C 157 -11.91 27.90 24.96
N ARG C 158 -12.02 28.64 23.87
CA ARG C 158 -13.31 29.22 23.55
C ARG C 158 -13.57 28.98 22.09
N PRO C 159 -13.79 27.71 21.68
CA PRO C 159 -13.93 27.48 20.25
C PRO C 159 -15.10 28.21 19.60
N LYS C 160 -14.84 28.85 18.47
CA LYS C 160 -15.85 29.59 17.73
C LYS C 160 -15.91 29.05 16.33
N PRO C 161 -17.00 28.37 15.94
CA PRO C 161 -17.16 28.00 14.55
C PRO C 161 -17.04 29.20 13.66
N LYS C 162 -16.50 29.02 12.47
CA LYS C 162 -16.51 30.06 11.44
C LYS C 162 -17.02 29.37 10.19
N PRO C 163 -18.34 29.17 10.11
CA PRO C 163 -18.87 28.44 9.00
C PRO C 163 -18.97 29.35 7.77
N GLY C 164 -19.15 28.72 6.63
CA GLY C 164 -19.27 29.47 5.39
C GLY C 164 -20.63 30.12 5.31
N ASP C 165 -20.76 31.06 4.37
CA ASP C 165 -22.05 31.50 3.81
C ASP C 165 -23.03 30.33 3.64
N GLY C 166 -24.17 30.41 4.27
CA GLY C 166 -25.16 29.34 4.15
C GLY C 166 -24.82 28.04 4.88
N GLU C 167 -23.88 28.07 5.84
CA GLU C 167 -23.65 26.95 6.74
C GLU C 167 -24.06 27.46 8.11
N PHE C 168 -24.93 26.69 8.77
CA PHE C 168 -25.44 27.00 10.10
C PHE C 168 -25.27 25.75 10.90
N VAL C 169 -24.41 25.81 11.90
CA VAL C 169 -24.05 24.59 12.65
C VAL C 169 -24.18 24.83 14.11
N GLU C 170 -24.68 23.83 14.83
CA GLU C 170 -24.65 23.82 16.28
C GLU C 170 -23.70 22.69 16.68
N VAL C 171 -22.87 22.93 17.65
CA VAL C 171 -21.92 21.95 18.13
C VAL C 171 -22.46 21.29 19.36
N ILE C 172 -22.39 19.94 19.34
CA ILE C 172 -22.81 19.10 20.47
C ILE C 172 -21.65 18.13 20.75
N SER C 173 -21.08 18.20 21.94
CA SER C 173 -20.06 17.26 22.42
C SER C 173 -20.66 16.27 23.40
N LEU C 174 -20.52 14.98 23.09
CA LEU C 174 -21.08 13.90 23.97
C LEU C 174 -20.01 12.95 24.42
N PRO C 175 -20.12 12.42 25.65
CA PRO C 175 -19.09 11.55 26.16
C PRO C 175 -19.02 10.22 25.37
N LYS C 176 -17.81 9.86 25.03
CA LYS C 176 -17.57 8.67 24.22
C LYS C 176 -18.06 7.43 24.99
N ASN C 177 -17.84 7.42 26.30
CA ASN C 177 -18.26 6.26 27.16
C ASN C 177 -19.79 6.13 27.42
N ASP C 178 -20.59 7.05 26.88
CA ASP C 178 -22.06 7.00 26.95
C ASP C 178 -22.74 7.46 25.64
N LEU C 179 -22.06 7.26 24.49
CA LEU C 179 -22.48 7.91 23.27
C LEU C 179 -23.89 7.57 22.80
N LEU C 180 -24.17 6.26 22.75
CA LEU C 180 -25.40 5.76 22.24
C LEU C 180 -26.58 6.26 23.08
N GLN C 181 -26.49 6.09 24.41
CA GLN C 181 -27.55 6.55 25.33
C GLN C 181 -27.80 8.05 25.19
N ARG C 182 -26.74 8.82 25.18
CA ARG C 182 -26.87 10.24 24.93
C ARG C 182 -27.46 10.59 23.58
N LEU C 183 -27.15 9.84 22.51
CA LEU C 183 -27.80 10.08 21.23
C LEU C 183 -29.30 9.75 21.28
N ASP C 184 -29.59 8.57 21.85
CA ASP C 184 -30.97 8.18 22.14
C ASP C 184 -31.70 9.27 22.91
N ALA C 185 -31.07 9.87 23.91
CA ALA C 185 -31.76 10.94 24.67
C ALA C 185 -32.13 12.10 23.75
N LEU C 186 -31.16 12.62 22.95
CA LEU C 186 -31.44 13.78 22.04
C LEU C 186 -32.58 13.57 21.09
N VAL C 187 -32.64 12.36 20.54
CA VAL C 187 -33.61 11.87 19.59
C VAL C 187 -35.02 11.83 20.22
N ALA C 188 -35.12 11.31 21.43
CA ALA C 188 -36.41 11.22 22.14
C ALA C 188 -36.94 12.61 22.43
N GLU C 189 -36.05 13.58 22.64
CA GLU C 189 -36.45 14.94 23.04
C GLU C 189 -36.87 15.88 21.86
N GLU C 190 -36.40 15.62 20.64
CA GLU C 190 -36.56 16.54 19.50
C GLU C 190 -36.79 15.74 18.24
N HIS C 191 -37.33 16.34 17.17
CA HIS C 191 -37.27 15.61 15.91
C HIS C 191 -35.94 15.92 15.28
N LEU C 192 -35.06 14.94 15.44
CA LEU C 192 -33.76 14.99 14.81
C LEU C 192 -33.36 13.55 14.46
N THR C 193 -32.56 13.45 13.39
CA THR C 193 -32.11 12.16 12.84
C THR C 193 -30.60 12.03 13.09
N VAL C 194 -30.18 10.87 13.63
CA VAL C 194 -28.75 10.60 13.84
C VAL C 194 -28.23 9.97 12.54
N ASP C 195 -27.03 10.39 12.16
CA ASP C 195 -26.33 9.85 11.00
C ASP C 195 -25.97 8.38 11.21
N ALA C 196 -26.08 7.58 10.14
CA ALA C 196 -25.83 6.10 10.25
C ALA C 196 -24.36 5.79 10.65
N ARG C 197 -23.43 6.63 10.26
CA ARG C 197 -22.03 6.37 10.66
C ARG C 197 -21.78 6.72 12.11
N VAL C 198 -22.40 7.80 12.53
CA VAL C 198 -22.40 8.13 13.90
C VAL C 198 -23.01 7.02 14.81
N TYR C 199 -24.19 6.51 14.45
CA TYR C 199 -24.85 5.50 15.22
C TYR C 199 -24.04 4.19 15.23
N SER C 200 -23.49 3.84 14.10
CA SER C 200 -22.62 2.62 13.98
C SER C 200 -21.47 2.72 14.90
N TYR C 201 -20.84 3.91 14.92
CA TYR C 201 -19.72 4.18 15.83
C TYR C 201 -20.20 3.99 17.29
N ALA C 202 -21.35 4.62 17.63
CA ALA C 202 -21.89 4.51 18.98
C ALA C 202 -22.19 3.05 19.41
N LEU C 203 -22.66 2.28 18.49
CA LEU C 203 -23.07 0.88 18.83
C LEU C 203 -21.80 0.05 19.17
N ALA C 204 -20.80 0.18 18.30
CA ALA C 204 -19.49 -0.51 18.57
C ALA C 204 -18.87 -0.08 19.90
N LEU C 205 -18.94 1.23 20.25
CA LEU C 205 -18.40 1.62 21.50
C LEU C 205 -19.11 0.85 22.62
N LYS C 206 -20.43 0.69 22.53
CA LYS C 206 -21.23 -0.02 23.56
C LYS C 206 -20.92 -1.54 23.60
N HIS C 207 -20.79 -2.14 22.42
CA HIS C 207 -20.48 -3.58 22.27
C HIS C 207 -19.04 -4.00 22.56
N ALA C 208 -18.12 -3.03 22.65
CA ALA C 208 -16.70 -3.39 22.73
C ALA C 208 -16.35 -4.15 24.01
N LYS D 15 -36.98 26.52 13.33
CA LYS D 15 -36.01 27.61 13.01
C LYS D 15 -35.74 27.72 11.50
N GLN D 16 -35.35 26.61 10.83
CA GLN D 16 -35.32 26.48 9.36
C GLN D 16 -36.42 25.56 8.87
N TYR D 17 -36.84 25.69 7.62
CA TYR D 17 -37.90 24.82 7.08
C TYR D 17 -37.87 24.71 5.61
N ILE D 18 -38.52 23.66 5.10
CA ILE D 18 -38.70 23.41 3.69
C ILE D 18 -39.84 24.33 3.22
N ILE D 19 -39.61 25.05 2.13
CA ILE D 19 -40.59 25.96 1.49
C ILE D 19 -41.25 25.15 0.37
N SER D 20 -40.47 24.47 -0.46
CA SER D 20 -41.01 23.68 -1.57
C SER D 20 -40.08 22.63 -2.14
N GLU D 21 -40.64 21.71 -2.91
CA GLU D 21 -39.92 20.55 -3.48
C GLU D 21 -40.27 20.20 -4.95
N GLU D 22 -39.52 20.76 -5.91
CA GLU D 22 -39.76 20.58 -7.35
C GLU D 22 -39.17 19.23 -7.80
N LEU D 23 -40.01 18.34 -8.32
CA LEU D 23 -39.53 17.08 -8.91
C LEU D 23 -38.69 17.47 -10.11
N ILE D 24 -37.54 16.82 -10.29
CA ILE D 24 -36.66 17.07 -11.46
C ILE D 24 -36.52 15.84 -12.34
N SER D 25 -36.35 14.67 -11.75
CA SER D 25 -36.33 13.45 -12.55
C SER D 25 -36.69 12.24 -11.67
N GLU D 26 -37.46 11.32 -12.26
CA GLU D 26 -37.97 10.13 -11.58
C GLU D 26 -37.61 8.89 -12.39
N GLY D 27 -37.55 7.76 -11.68
CA GLY D 27 -37.20 6.47 -12.28
C GLY D 27 -37.95 5.38 -11.53
N LYS D 28 -37.59 4.13 -11.80
CA LYS D 28 -38.26 3.01 -11.12
C LYS D 28 -37.96 3.00 -9.61
N TRP D 29 -36.70 3.29 -9.24
CA TRP D 29 -36.20 3.19 -7.84
C TRP D 29 -35.70 4.48 -7.16
N VAL D 30 -35.34 5.50 -7.95
CA VAL D 30 -34.66 6.70 -7.47
C VAL D 30 -35.17 7.93 -8.21
N LYS D 31 -35.28 9.01 -7.46
CA LYS D 31 -35.70 10.36 -7.98
C LYS D 31 -34.80 11.49 -7.48
N LEU D 32 -34.79 12.59 -8.22
CA LEU D 32 -34.00 13.79 -7.95
C LEU D 32 -34.95 15.01 -7.81
N GLU D 33 -34.61 15.99 -6.98
CA GLU D 33 -35.48 17.15 -6.69
C GLU D 33 -34.72 18.42 -6.31
N LYS D 34 -35.33 19.56 -6.62
CA LYS D 34 -34.80 20.87 -6.25
C LYS D 34 -35.53 21.44 -5.02
N THR D 35 -34.90 21.33 -3.85
CA THR D 35 -35.48 21.78 -2.60
C THR D 35 -35.30 23.28 -2.34
N THR D 36 -36.37 24.00 -1.99
CA THR D 36 -36.20 25.35 -1.49
C THR D 36 -36.46 25.38 -0.01
N TYR D 37 -35.66 26.15 0.74
CA TYR D 37 -35.83 26.24 2.19
C TYR D 37 -35.43 27.63 2.71
N MET D 38 -35.88 27.94 3.91
CA MET D 38 -35.50 29.15 4.63
C MET D 38 -34.43 28.89 5.68
N ASP D 39 -33.36 29.69 5.66
CA ASP D 39 -32.27 29.61 6.64
C ASP D 39 -32.63 30.34 7.92
N PRO D 40 -31.77 30.27 8.95
CA PRO D 40 -32.20 30.82 10.23
C PRO D 40 -32.44 32.38 10.18
N THR D 41 -31.86 33.04 9.19
CA THR D 41 -31.95 34.52 9.03
C THR D 41 -33.27 34.98 8.38
N GLY D 42 -34.01 34.05 7.76
CA GLY D 42 -35.14 34.35 6.89
C GLY D 42 -34.79 34.46 5.39
N LYS D 43 -33.58 34.08 4.99
CA LYS D 43 -33.19 34.02 3.57
C LYS D 43 -33.51 32.70 2.85
N THR D 44 -33.98 32.80 1.61
CA THR D 44 -34.30 31.62 0.80
C THR D 44 -33.06 31.09 0.07
N ARG D 45 -32.84 29.79 0.19
CA ARG D 45 -31.77 29.09 -0.55
C ARG D 45 -32.34 27.83 -1.21
N THR D 46 -31.59 27.24 -2.13
CA THR D 46 -31.96 25.94 -2.77
C THR D 46 -30.94 24.83 -2.49
N TRP D 47 -31.28 23.59 -2.86
CA TRP D 47 -30.47 22.37 -2.66
C TRP D 47 -30.91 21.26 -3.64
N GLU D 48 -30.03 20.35 -4.05
CA GLU D 48 -30.44 19.18 -4.88
C GLU D 48 -30.49 17.90 -4.05
N SER D 49 -31.64 17.21 -4.04
CA SER D 49 -31.92 16.10 -3.12
C SER D 49 -32.37 14.84 -3.85
N VAL D 50 -31.85 13.70 -3.38
CA VAL D 50 -32.09 12.42 -3.96
C VAL D 50 -33.03 11.70 -2.99
N LYS D 51 -34.06 11.04 -3.53
CA LYS D 51 -34.93 10.16 -2.75
C LYS D 51 -35.20 8.90 -3.56
N ARG D 52 -35.48 7.80 -2.86
CA ARG D 52 -35.96 6.58 -3.48
C ARG D 52 -37.48 6.69 -3.66
N THR D 53 -38.02 5.79 -4.47
CA THR D 53 -39.45 5.77 -4.83
C THR D 53 -40.19 4.61 -4.17
N THR D 54 -39.48 3.82 -3.36
CA THR D 54 -39.85 2.43 -3.06
C THR D 54 -40.61 2.34 -1.73
N ALA D 60 -38.65 3.77 7.63
CA ALA D 60 -37.37 3.90 6.91
C ALA D 60 -37.29 3.08 5.60
N ASP D 61 -36.30 3.38 4.75
CA ASP D 61 -36.13 2.61 3.50
C ASP D 61 -35.65 1.17 3.72
N GLY D 62 -34.59 1.00 4.53
CA GLY D 62 -33.96 -0.30 4.76
C GLY D 62 -33.62 -0.67 6.21
N VAL D 63 -33.01 -1.86 6.32
CA VAL D 63 -32.35 -2.28 7.53
C VAL D 63 -30.92 -2.61 7.14
N ALA D 64 -30.02 -2.46 8.09
CA ALA D 64 -28.67 -3.08 8.02
C ALA D 64 -28.50 -3.86 9.29
N VAL D 65 -27.87 -5.03 9.21
CA VAL D 65 -27.82 -5.96 10.31
C VAL D 65 -26.37 -6.00 10.76
N ILE D 66 -26.19 -5.85 12.07
CA ILE D 66 -24.88 -6.13 12.70
C ILE D 66 -25.00 -7.50 13.37
N PRO D 67 -24.53 -8.54 12.66
CA PRO D 67 -24.69 -9.92 13.10
C PRO D 67 -23.43 -10.45 13.86
N VAL D 68 -23.60 -10.59 15.16
CA VAL D 68 -22.55 -11.07 16.08
C VAL D 68 -22.70 -12.66 16.25
N LEU D 69 -21.83 -13.40 15.61
CA LEU D 69 -21.79 -14.90 15.68
C LEU D 69 -21.08 -15.34 16.98
N GLN D 70 -21.86 -15.93 17.89
CA GLN D 70 -21.40 -16.28 19.25
C GLN D 70 -21.37 -17.81 19.41
N ARG D 71 -20.27 -18.32 19.96
CA ARG D 71 -20.12 -19.74 20.28
C ARG D 71 -19.44 -19.76 21.65
N THR D 72 -19.88 -20.61 22.61
CA THR D 72 -19.19 -20.66 23.90
C THR D 72 -17.74 -21.09 23.73
N LEU D 73 -16.89 -20.60 24.63
CA LEU D 73 -15.47 -20.91 24.56
C LEU D 73 -14.76 -20.43 23.28
N HIS D 74 -15.37 -19.50 22.52
CA HIS D 74 -14.76 -18.99 21.28
C HIS D 74 -14.91 -17.45 21.29
N TYR D 75 -14.14 -16.80 20.44
CA TYR D 75 -14.18 -15.33 20.20
C TYR D 75 -15.43 -15.08 19.38
N GLU D 76 -15.99 -13.86 19.49
CA GLU D 76 -17.09 -13.44 18.59
C GLU D 76 -16.60 -13.05 17.22
N CYS D 77 -17.46 -13.26 16.24
CA CYS D 77 -17.22 -12.86 14.84
C CYS D 77 -18.35 -11.95 14.36
N ILE D 78 -18.01 -11.08 13.43
CA ILE D 78 -18.97 -10.15 12.82
C ILE D 78 -19.11 -10.64 11.38
N VAL D 79 -20.36 -10.92 11.01
CA VAL D 79 -20.65 -11.56 9.76
C VAL D 79 -20.95 -10.42 8.75
N LEU D 80 -20.18 -10.35 7.70
CA LEU D 80 -20.32 -9.31 6.68
C LEU D 80 -20.65 -10.00 5.44
N VAL D 81 -20.94 -9.23 4.39
CA VAL D 81 -21.19 -9.83 3.08
C VAL D 81 -20.50 -8.99 2.05
N LYS D 82 -20.06 -9.62 0.94
CA LYS D 82 -19.44 -8.94 -0.21
C LYS D 82 -20.30 -9.23 -1.38
N GLN D 83 -20.46 -8.17 -2.17
CA GLN D 83 -21.28 -8.22 -3.38
C GLN D 83 -20.87 -7.09 -4.30
N PHE D 84 -21.15 -7.26 -5.60
CA PHE D 84 -20.92 -6.23 -6.61
C PHE D 84 -22.02 -5.18 -6.50
N ARG D 85 -21.61 -3.90 -6.47
CA ARG D 85 -22.54 -2.80 -6.33
C ARG D 85 -22.42 -1.95 -7.60
N PRO D 86 -23.40 -2.06 -8.50
CA PRO D 86 -23.33 -1.22 -9.70
C PRO D 86 -23.05 0.22 -9.52
N PRO D 87 -23.66 0.90 -8.51
CA PRO D 87 -23.31 2.28 -8.39
C PRO D 87 -21.77 2.53 -8.15
N MET D 88 -21.12 1.60 -7.43
CA MET D 88 -19.69 1.72 -7.12
C MET D 88 -18.76 1.18 -8.21
N GLY D 89 -19.31 0.47 -9.19
CA GLY D 89 -18.46 -0.17 -10.16
C GLY D 89 -17.56 -1.25 -9.58
N GLY D 90 -17.91 -1.83 -8.42
CA GLY D 90 -16.97 -2.73 -7.77
C GLY D 90 -17.61 -3.44 -6.62
N TYR D 91 -16.85 -4.33 -6.01
CA TYR D 91 -17.34 -5.12 -4.92
C TYR D 91 -17.19 -4.32 -3.61
N CYS D 92 -18.17 -4.48 -2.68
CA CYS D 92 -18.20 -3.76 -1.47
C CYS D 92 -18.41 -4.77 -0.36
N ILE D 93 -17.79 -4.46 0.78
CA ILE D 93 -17.96 -5.29 1.99
C ILE D 93 -18.86 -4.50 2.92
N GLU D 94 -20.01 -5.08 3.23
CA GLU D 94 -21.08 -4.44 4.00
C GLU D 94 -21.65 -5.33 5.05
N PHE D 95 -22.38 -4.70 5.96
CA PHE D 95 -23.28 -5.39 6.85
C PHE D 95 -24.37 -5.95 5.94
N PRO D 96 -24.83 -7.14 6.21
CA PRO D 96 -26.09 -7.60 5.46
C PRO D 96 -27.21 -6.56 5.62
N ALA D 97 -27.94 -6.36 4.53
CA ALA D 97 -28.85 -5.22 4.49
C ALA D 97 -29.84 -5.46 3.40
N GLY D 98 -31.02 -4.86 3.55
CA GLY D 98 -32.06 -4.97 2.52
C GLY D 98 -33.14 -3.93 2.75
N LEU D 99 -34.02 -3.72 1.75
CA LEU D 99 -35.16 -2.80 1.93
C LEU D 99 -36.21 -3.52 2.70
N ILE D 100 -37.03 -2.76 3.43
CA ILE D 100 -38.06 -3.31 4.29
C ILE D 100 -39.24 -3.60 3.36
N ASP D 101 -39.82 -4.80 3.47
CA ASP D 101 -41.00 -5.19 2.66
C ASP D 101 -42.24 -4.45 3.18
N ASP D 102 -43.12 -4.08 2.25
CA ASP D 102 -44.46 -3.54 2.55
C ASP D 102 -45.11 -4.28 3.72
N GLY D 103 -45.31 -3.58 4.85
CA GLY D 103 -45.99 -4.12 6.04
C GLY D 103 -45.14 -4.85 7.07
N GLU D 104 -43.90 -5.16 6.73
CA GLU D 104 -43.01 -5.95 7.59
C GLU D 104 -42.28 -5.03 8.56
N THR D 105 -42.02 -5.49 9.77
CA THR D 105 -41.35 -4.65 10.77
C THR D 105 -39.86 -4.64 10.42
N PRO D 106 -39.13 -3.56 10.81
CA PRO D 106 -37.64 -3.62 10.74
C PRO D 106 -37.01 -4.91 11.32
N GLU D 107 -37.40 -5.28 12.54
CA GLU D 107 -36.84 -6.44 13.17
C GLU D 107 -37.07 -7.71 12.36
N ALA D 108 -38.23 -7.83 11.72
CA ALA D 108 -38.49 -9.02 10.93
C ALA D 108 -37.75 -8.91 9.59
N ALA D 109 -37.64 -7.71 9.01
CA ALA D 109 -36.82 -7.58 7.82
C ALA D 109 -35.32 -7.91 8.08
N ALA D 110 -34.85 -7.56 9.27
CA ALA D 110 -33.45 -7.82 9.63
C ALA D 110 -33.19 -9.33 9.69
N LEU D 111 -34.00 -10.04 10.48
CA LEU D 111 -33.83 -11.50 10.54
C LEU D 111 -34.04 -12.18 9.17
N ARG D 112 -34.93 -11.65 8.34
CA ARG D 112 -35.12 -12.26 7.04
C ARG D 112 -33.92 -12.04 6.12
N GLU D 113 -33.54 -10.78 5.96
CA GLU D 113 -32.40 -10.42 5.10
C GLU D 113 -31.09 -11.10 5.61
N LEU D 114 -30.91 -11.23 6.90
CA LEU D 114 -29.68 -11.94 7.39
C LEU D 114 -29.77 -13.42 6.98
N GLU D 115 -30.92 -14.07 7.20
CA GLU D 115 -31.08 -15.49 6.78
C GLU D 115 -31.02 -15.60 5.26
N GLU D 116 -31.68 -14.69 4.54
CA GLU D 116 -31.49 -14.68 3.09
C GLU D 116 -30.05 -14.54 2.62
N GLU D 117 -29.29 -13.60 3.18
CA GLU D 117 -27.97 -13.25 2.63
C GLU D 117 -26.80 -14.06 3.21
N THR D 118 -27.00 -14.66 4.38
CA THR D 118 -25.95 -15.45 5.05
C THR D 118 -26.37 -16.84 5.49
N GLY D 119 -27.65 -17.07 5.71
CA GLY D 119 -28.13 -18.41 6.15
C GLY D 119 -28.35 -18.51 7.65
N TYR D 120 -27.74 -17.60 8.42
CA TYR D 120 -27.93 -17.59 9.85
C TYR D 120 -29.33 -17.16 10.29
N LYS D 121 -29.68 -17.56 11.50
CA LYS D 121 -30.97 -17.47 12.09
C LYS D 121 -30.59 -16.77 13.36
N GLY D 122 -30.93 -15.50 13.42
CA GLY D 122 -30.46 -14.64 14.49
C GLY D 122 -31.53 -14.48 15.50
N ASP D 123 -31.16 -13.83 16.58
CA ASP D 123 -32.06 -13.31 17.55
C ASP D 123 -31.81 -11.80 17.66
N ILE D 124 -32.89 -11.05 17.77
CA ILE D 124 -32.76 -9.60 17.90
C ILE D 124 -32.19 -9.23 19.27
N ALA D 125 -31.13 -8.41 19.29
CA ALA D 125 -30.63 -7.82 20.54
C ALA D 125 -31.07 -6.35 20.68
N GLU D 126 -31.11 -5.60 19.57
CA GLU D 126 -31.56 -4.19 19.63
C GLU D 126 -31.79 -3.66 18.21
N CYS D 127 -32.52 -2.54 18.12
CA CYS D 127 -32.88 -1.97 16.82
C CYS D 127 -32.82 -0.43 16.94
N SER D 128 -32.18 0.23 15.99
CA SER D 128 -31.98 1.67 16.08
C SER D 128 -33.28 2.36 15.64
N PRO D 129 -33.48 3.65 16.05
CA PRO D 129 -34.41 4.43 15.26
C PRO D 129 -33.91 4.60 13.83
N ALA D 130 -34.73 5.20 13.00
CA ALA D 130 -34.30 5.48 11.65
C ALA D 130 -33.11 6.44 11.64
N VAL D 131 -32.06 6.06 10.90
CA VAL D 131 -30.80 6.88 10.82
C VAL D 131 -30.50 7.19 9.38
N CYS D 132 -29.88 8.34 9.11
CA CYS D 132 -29.72 8.85 7.76
C CYS D 132 -28.43 8.29 7.12
N MET D 133 -28.61 7.81 5.90
CA MET D 133 -27.50 7.31 5.10
C MET D 133 -26.52 8.34 4.55
N ASP D 134 -27.01 9.45 4.02
CA ASP D 134 -26.16 10.51 3.55
C ASP D 134 -26.95 11.81 3.50
N PRO D 135 -27.09 12.50 4.67
CA PRO D 135 -28.25 13.43 4.75
C PRO D 135 -28.01 14.73 3.99
N GLY D 136 -26.76 15.05 3.63
CA GLY D 136 -26.46 16.20 2.78
C GLY D 136 -26.76 15.92 1.27
N LEU D 137 -27.19 14.70 0.95
CA LEU D 137 -27.51 14.27 -0.40
C LEU D 137 -28.90 13.67 -0.57
N SER D 138 -29.29 12.71 0.28
CA SER D 138 -30.46 11.89 0.11
C SER D 138 -31.30 11.86 1.38
N ASN D 139 -32.52 11.32 1.28
CA ASN D 139 -33.40 11.31 2.46
C ASN D 139 -33.35 9.93 2.99
N CYS D 140 -32.48 9.07 2.43
CA CYS D 140 -32.56 7.64 2.74
C CYS D 140 -32.17 7.35 4.19
N THR D 141 -32.90 6.39 4.77
CA THR D 141 -32.69 6.01 6.15
C THR D 141 -32.79 4.49 6.26
N ILE D 142 -32.19 3.97 7.31
CA ILE D 142 -32.34 2.59 7.72
C ILE D 142 -32.56 2.47 9.22
N HIS D 143 -32.91 1.29 9.64
CA HIS D 143 -32.76 0.86 11.01
C HIS D 143 -31.50 -0.04 10.98
N ILE D 144 -30.60 0.27 11.90
CA ILE D 144 -29.49 -0.65 12.20
C ILE D 144 -29.93 -1.59 13.30
N VAL D 145 -29.93 -2.90 12.97
CA VAL D 145 -30.45 -3.90 13.86
C VAL D 145 -29.26 -4.74 14.27
N THR D 146 -29.01 -4.78 15.58
CA THR D 146 -27.96 -5.63 16.11
C THR D 146 -28.57 -7.05 16.36
N VAL D 147 -27.92 -8.09 15.85
CA VAL D 147 -28.47 -9.48 15.85
C VAL D 147 -27.42 -10.49 16.34
N THR D 148 -27.75 -11.24 17.38
CA THR D 148 -26.83 -12.29 17.88
C THR D 148 -27.14 -13.58 17.14
N ILE D 149 -26.11 -14.34 16.77
CA ILE D 149 -26.33 -15.64 16.14
C ILE D 149 -25.79 -16.65 17.14
N ASN D 150 -26.61 -17.62 17.55
CA ASN D 150 -26.13 -18.66 18.49
C ASN D 150 -25.55 -19.76 17.63
N GLY D 151 -24.22 -19.72 17.43
CA GLY D 151 -23.52 -20.62 16.54
C GLY D 151 -23.31 -22.01 17.13
N ASP D 152 -23.76 -22.26 18.35
CA ASP D 152 -23.79 -23.61 18.96
C ASP D 152 -25.07 -24.39 18.59
N ASP D 153 -26.20 -23.70 18.48
CA ASP D 153 -27.45 -24.31 17.95
C ASP D 153 -27.23 -24.92 16.54
N ALA D 154 -27.91 -26.05 16.31
CA ALA D 154 -27.79 -26.84 15.08
C ALA D 154 -28.16 -26.07 13.81
N GLU D 155 -29.17 -25.20 13.90
CA GLU D 155 -29.62 -24.45 12.73
C GLU D 155 -28.52 -23.55 12.20
N ASN D 156 -27.59 -23.18 13.08
CA ASN D 156 -26.50 -22.28 12.71
C ASN D 156 -25.17 -23.01 12.56
N ALA D 157 -25.21 -24.33 12.64
CA ALA D 157 -23.99 -25.13 12.57
C ALA D 157 -23.19 -24.80 11.31
N ARG D 158 -23.87 -24.84 10.17
CA ARG D 158 -23.23 -24.57 8.86
C ARG D 158 -24.26 -24.19 7.79
N PRO D 159 -25.03 -23.12 8.03
CA PRO D 159 -26.08 -22.73 7.10
C PRO D 159 -25.53 -22.12 5.79
N LYS D 160 -26.35 -22.17 4.74
CA LYS D 160 -26.03 -21.54 3.44
C LYS D 160 -27.11 -20.52 3.04
N PRO D 161 -26.74 -19.52 2.23
CA PRO D 161 -27.69 -18.44 1.87
C PRO D 161 -28.95 -18.93 1.12
N LYS D 162 -29.94 -18.04 1.00
CA LYS D 162 -31.09 -18.22 0.11
C LYS D 162 -31.31 -16.87 -0.64
N PRO D 163 -30.44 -16.57 -1.61
CA PRO D 163 -30.56 -15.25 -2.25
C PRO D 163 -31.84 -15.08 -3.04
N GLY D 164 -32.30 -13.83 -3.15
CA GLY D 164 -33.33 -13.45 -4.13
C GLY D 164 -32.76 -13.42 -5.54
N ASP D 165 -33.58 -13.14 -6.56
CA ASP D 165 -33.07 -13.17 -7.95
C ASP D 165 -32.18 -11.95 -8.14
N GLY D 166 -31.08 -12.12 -8.86
CA GLY D 166 -30.11 -11.06 -9.06
C GLY D 166 -29.29 -10.60 -7.86
N GLU D 167 -29.33 -11.36 -6.77
CA GLU D 167 -28.63 -11.02 -5.54
C GLU D 167 -27.58 -12.11 -5.39
N PHE D 168 -26.29 -11.72 -5.42
CA PHE D 168 -25.18 -12.69 -5.36
C PHE D 168 -24.21 -12.25 -4.30
N VAL D 169 -24.10 -13.03 -3.24
CA VAL D 169 -23.43 -12.53 -2.03
C VAL D 169 -22.41 -13.55 -1.54
N GLU D 170 -21.22 -13.08 -1.16
CA GLU D 170 -20.23 -13.88 -0.46
C GLU D 170 -20.22 -13.45 0.98
N VAL D 171 -20.34 -14.41 1.89
CA VAL D 171 -20.31 -14.17 3.34
C VAL D 171 -18.82 -14.09 3.72
N ILE D 172 -18.47 -13.11 4.56
CA ILE D 172 -17.09 -12.94 5.09
C ILE D 172 -17.24 -12.75 6.59
N SER D 173 -16.92 -13.79 7.36
CA SER D 173 -17.01 -13.72 8.83
C SER D 173 -15.64 -13.27 9.34
N LEU D 174 -15.57 -12.18 10.10
CA LEU D 174 -14.29 -11.65 10.63
C LEU D 174 -14.31 -11.60 12.15
N PRO D 175 -13.16 -11.89 12.77
CA PRO D 175 -13.11 -11.74 14.23
C PRO D 175 -13.40 -10.33 14.62
N LYS D 176 -14.34 -10.16 15.53
CA LYS D 176 -14.71 -8.92 16.13
C LYS D 176 -13.42 -8.24 16.70
N ASN D 177 -12.55 -9.05 17.30
CA ASN D 177 -11.36 -8.62 18.00
C ASN D 177 -10.25 -7.96 17.18
N ASP D 178 -10.29 -8.12 15.86
CA ASP D 178 -9.31 -7.57 15.03
C ASP D 178 -9.96 -7.08 13.81
N LEU D 179 -11.21 -6.65 13.95
CA LEU D 179 -11.94 -6.23 12.79
C LEU D 179 -11.30 -5.19 11.92
N LEU D 180 -10.84 -4.10 12.52
CA LEU D 180 -10.34 -3.03 11.72
C LEU D 180 -9.08 -3.47 10.94
N GLN D 181 -8.19 -4.26 11.55
CA GLN D 181 -6.96 -4.70 10.86
C GLN D 181 -7.29 -5.56 9.67
N ARG D 182 -8.29 -6.42 9.88
CA ARG D 182 -8.67 -7.38 8.84
C ARG D 182 -9.26 -6.64 7.71
N LEU D 183 -10.06 -5.61 7.99
CA LEU D 183 -10.60 -4.79 6.93
C LEU D 183 -9.55 -4.02 6.18
N ASP D 184 -8.59 -3.44 6.89
CA ASP D 184 -7.53 -2.69 6.23
C ASP D 184 -6.73 -3.64 5.36
N ALA D 185 -6.53 -4.88 5.81
CA ALA D 185 -5.76 -5.90 5.03
C ALA D 185 -6.48 -6.25 3.73
N LEU D 186 -7.80 -6.37 3.79
CA LEU D 186 -8.58 -6.69 2.59
C LEU D 186 -8.44 -5.61 1.59
N VAL D 187 -8.52 -4.39 2.05
CA VAL D 187 -8.41 -3.23 1.20
C VAL D 187 -7.03 -3.08 0.58
N ALA D 188 -5.99 -3.52 1.29
CA ALA D 188 -4.63 -3.37 0.77
C ALA D 188 -4.37 -4.39 -0.35
N GLU D 189 -5.08 -5.52 -0.33
CA GLU D 189 -4.80 -6.64 -1.22
C GLU D 189 -5.84 -6.87 -2.30
N GLU D 190 -7.10 -6.47 -2.06
CA GLU D 190 -8.21 -6.80 -2.99
C GLU D 190 -8.94 -5.59 -3.52
N HIS D 191 -9.51 -5.76 -4.73
CA HIS D 191 -10.22 -4.74 -5.44
C HIS D 191 -11.58 -4.71 -4.75
N LEU D 192 -11.67 -3.95 -3.67
CA LEU D 192 -12.98 -3.79 -3.04
C LEU D 192 -13.00 -2.55 -2.16
N THR D 193 -14.21 -2.14 -1.75
CA THR D 193 -14.43 -0.98 -0.87
C THR D 193 -15.19 -1.46 0.38
N VAL D 194 -14.83 -0.90 1.52
CA VAL D 194 -15.48 -1.30 2.74
C VAL D 194 -16.48 -0.20 2.91
N ASP D 195 -17.60 -0.59 3.47
CA ASP D 195 -18.67 0.38 3.75
C ASP D 195 -18.27 1.24 4.92
N ALA D 196 -18.65 2.48 4.85
CA ALA D 196 -18.43 3.41 5.95
C ALA D 196 -19.04 3.10 7.29
N ARG D 197 -20.20 2.45 7.32
N ARG D 197 -20.24 2.50 7.33
CA ARG D 197 -20.80 2.05 8.58
CA ARG D 197 -20.84 2.00 8.59
C ARG D 197 -20.01 0.89 9.20
C ARG D 197 -19.92 0.94 9.19
N VAL D 198 -19.54 -0.03 8.37
CA VAL D 198 -18.68 -1.11 8.84
C VAL D 198 -17.33 -0.56 9.36
N TYR D 199 -16.76 0.40 8.68
CA TYR D 199 -15.49 0.93 9.01
C TYR D 199 -15.66 1.77 10.30
N SER D 200 -16.79 2.42 10.43
CA SER D 200 -17.04 3.22 11.64
C SER D 200 -17.18 2.31 12.82
N TYR D 201 -17.91 1.18 12.66
CA TYR D 201 -18.01 0.13 13.72
C TYR D 201 -16.64 -0.34 14.11
N ALA D 202 -15.86 -0.75 13.13
CA ALA D 202 -14.52 -1.27 13.36
C ALA D 202 -13.60 -0.25 14.12
N LEU D 203 -13.63 1.01 13.69
CA LEU D 203 -12.94 2.06 14.41
C LEU D 203 -13.27 2.21 15.89
N ALA D 204 -14.58 2.28 16.16
CA ALA D 204 -15.09 2.35 17.51
C ALA D 204 -14.67 1.14 18.36
N LEU D 205 -14.55 -0.08 17.81
CA LEU D 205 -14.03 -1.19 18.61
C LEU D 205 -12.60 -0.98 19.15
N LYS D 206 -11.80 -0.23 18.39
CA LYS D 206 -10.49 0.20 18.80
C LYS D 206 -10.54 1.42 19.72
N HIS D 207 -11.39 2.40 19.42
CA HIS D 207 -11.47 3.63 20.22
C HIS D 207 -12.09 3.49 21.60
N ALA D 208 -12.97 2.49 21.74
CA ALA D 208 -13.62 2.20 23.01
C ALA D 208 -12.63 2.09 24.16
N ASN D 209 -13.09 2.52 25.33
CA ASN D 209 -12.37 2.36 26.58
C ASN D 209 -11.14 3.27 26.62
MG MG E . 18.05 -19.10 -3.74
MG MG F . 17.13 -22.03 -4.64
CL CL G . 12.56 11.06 -7.50
C1 EDO H . 13.95 22.04 -10.60
O1 EDO H . 15.15 21.76 -9.86
C2 EDO H . 14.38 23.02 -11.70
O2 EDO H . 15.43 22.42 -12.51
MG MG I . 32.97 4.86 -7.10
MG MG J . 34.37 7.65 -5.89
N1 K1P K . 27.69 -20.77 -1.52
N3 K1P K . 24.27 -24.57 -2.49
C4 K1P K . 25.37 -24.94 -0.34
C5 K1P K . 24.08 -25.14 -1.15
C6 K1P K . 24.12 -23.10 -2.61
C7 K1P K . 25.49 -22.37 -2.44
N K1P K . 29.29 -20.80 0.22
C K1P K . 29.35 -18.96 -1.40
C1 K1P K . 28.80 -20.21 -0.85
C2 K1P K . 27.35 -21.90 -0.88
C3 K1P K . 25.60 -23.47 -0.09
N2 K1P K . 26.31 -22.73 -1.22
S K1P K . 28.42 -22.21 0.53
N1 K1P L . 39.18 -2.29 -3.76
N3 K1P L . 40.46 2.78 -4.47
C4 K1P L . 38.67 1.40 -3.26
C5 K1P L . 39.00 2.60 -4.20
C6 K1P L . 41.11 1.88 -5.45
C7 K1P L . 41.53 0.51 -4.81
N K1P L . 40.63 -4.03 -4.41
C K1P L . 38.41 -4.66 -3.53
C1 K1P L . 39.46 -3.66 -3.91
C2 K1P L . 40.26 -1.58 -4.17
C3 K1P L . 39.85 0.48 -2.91
N2 K1P L . 40.41 -0.21 -4.10
S K1P L . 41.55 -2.66 -4.75
C1 EDO M . -2.83 21.53 20.80
O1 EDO M . -4.08 22.08 20.34
C2 EDO M . -1.79 21.68 19.71
O2 EDO M . -2.12 21.07 18.44
MG MG N . -19.17 21.45 5.14
MG MG O . -20.21 20.15 6.55
N1 K1P P . -31.94 -0.37 -6.66
N3 K1P P . -33.28 -5.37 -5.62
C4 K1P P . -33.49 -4.87 -8.05
C5 K1P P . -34.21 -5.38 -6.78
C6 K1P P . -33.06 -4.14 -4.81
C7 K1P P . -33.31 -2.81 -5.60
N K1P P . -31.64 0.59 -8.81
C K1P P . -31.25 2.00 -6.82
C1 K1P P . -31.61 0.73 -7.49
C2 K1P P . -32.25 -1.42 -7.41
C3 K1P P . -32.32 -3.91 -7.76
N2 K1P P . -32.64 -2.68 -6.94
S K1P P . -32.11 -1.00 -9.15
MG MG Q . -28.90 -6.80 0.49
MG MG R . -30.90 -7.10 -0.02
N1 K1P S . -25.13 19.83 -2.29
N3 K1P S . -22.53 23.49 0.49
C4 K1P S . -21.50 21.70 -0.88
C5 K1P S . -21.33 22.65 0.33
C6 K1P S . -23.04 24.14 -0.73
C7 K1P S . -24.26 23.34 -1.31
N K1P S . -27.16 20.33 -3.37
C K1P S . -26.52 17.96 -3.07
C1 K1P S . -26.31 19.41 -2.93
C2 K1P S . -25.08 21.18 -2.24
C3 K1P S . -22.92 21.10 -0.98
N2 K1P S . -24.02 21.91 -1.69
S K1P S . -26.56 21.87 -3.01
#